data_6F24
#
_entry.id   6F24
#
_entity_poly.entity_id   1
_entity_poly.type   'polypeptide(L)'
_entity_poly.pdbx_seq_one_letter_code
;SAKDIKDEKIQQYRKTLTKIVKIKTAIFHETVKVTCSKDGKMLEWYKGKNDSDGKKKPIGSFPLNKITSIRTKVDNLKSL
EISVSSVHISTYLFTFKTREERESWQNNLESFRKIMSMK
;
_entity_poly.pdbx_strand_id   A
#
# COMPACT_ATOMS: atom_id res chain seq x y z
N SER A 1 -1.37 5.59 -21.80
CA SER A 1 -0.74 4.91 -22.95
C SER A 1 -1.80 4.56 -23.99
N ALA A 2 -2.56 3.52 -23.70
CA ALA A 2 -3.63 3.12 -24.59
C ALA A 2 -4.91 2.92 -23.79
N LYS A 3 -5.13 1.71 -23.31
CA LYS A 3 -6.27 1.41 -22.45
C LYS A 3 -5.87 0.39 -21.40
N ASP A 4 -4.59 0.36 -21.05
CA ASP A 4 -4.08 -0.74 -20.24
C ASP A 4 -2.72 -0.45 -19.60
N ILE A 5 -1.81 0.17 -20.34
CA ILE A 5 -0.39 0.04 -20.05
C ILE A 5 0.13 1.05 -19.00
N LYS A 6 0.49 2.26 -19.44
CA LYS A 6 1.22 3.17 -18.56
C LYS A 6 0.36 3.83 -17.49
N ASP A 7 -0.56 4.66 -17.93
CA ASP A 7 -1.38 5.47 -17.03
C ASP A 7 -2.55 4.68 -16.51
N GLU A 8 -3.07 3.87 -17.41
CA GLU A 8 -4.30 3.13 -17.17
C GLU A 8 -4.19 2.21 -15.96
N LYS A 9 -3.03 1.56 -15.79
CA LYS A 9 -2.81 0.69 -14.64
C LYS A 9 -2.95 1.47 -13.34
N ILE A 10 -2.44 2.69 -13.36
CA ILE A 10 -2.43 3.55 -12.18
C ILE A 10 -3.85 3.93 -11.80
N GLN A 11 -4.62 4.34 -12.80
CA GLN A 11 -5.99 4.74 -12.59
C GLN A 11 -6.85 3.56 -12.19
N GLN A 12 -6.67 2.44 -12.89
CA GLN A 12 -7.45 1.23 -12.67
C GLN A 12 -7.19 0.67 -11.28
N TYR A 13 -5.91 0.40 -10.99
CA TYR A 13 -5.54 -0.22 -9.73
C TYR A 13 -5.82 0.71 -8.55
N ARG A 14 -5.62 2.02 -8.73
CA ARG A 14 -5.81 2.98 -7.64
C ARG A 14 -7.19 2.83 -6.99
N LYS A 15 -8.20 2.56 -7.82
CA LYS A 15 -9.57 2.44 -7.32
C LYS A 15 -9.68 1.32 -6.28
N THR A 16 -9.23 0.15 -6.66
CA THR A 16 -9.31 -1.04 -5.81
C THR A 16 -8.22 -1.01 -4.74
N LEU A 17 -7.19 -0.24 -4.99
CA LEU A 17 -6.04 -0.15 -4.08
C LEU A 17 -6.37 0.66 -2.83
N THR A 18 -7.39 1.50 -2.91
CA THR A 18 -7.76 2.35 -1.79
C THR A 18 -8.49 1.53 -0.72
N LYS A 19 -7.87 1.42 0.45
CA LYS A 19 -8.42 0.62 1.54
C LYS A 19 -8.12 1.26 2.90
N ILE A 20 -9.04 1.09 3.85
CA ILE A 20 -8.80 1.52 5.22
C ILE A 20 -8.13 0.39 5.99
N VAL A 21 -6.86 0.58 6.31
CA VAL A 21 -6.09 -0.48 6.95
C VAL A 21 -5.32 0.06 8.13
N LYS A 22 -4.67 -0.84 8.86
CA LYS A 22 -3.88 -0.45 10.00
C LYS A 22 -2.40 -0.52 9.66
N ILE A 23 -1.75 0.63 9.66
CA ILE A 23 -0.33 0.68 9.36
C ILE A 23 0.48 0.56 10.64
N LYS A 24 1.58 -0.17 10.54
CA LYS A 24 2.42 -0.46 11.67
C LYS A 24 3.89 -0.27 11.31
N THR A 25 4.47 0.81 11.80
CA THR A 25 5.88 1.10 11.55
C THR A 25 6.60 1.34 12.86
N ALA A 26 7.90 1.62 12.79
CA ALA A 26 8.64 1.99 13.99
C ALA A 26 8.25 3.40 14.44
N ILE A 27 7.91 4.22 13.47
CA ILE A 27 7.61 5.63 13.73
C ILE A 27 6.21 5.80 14.28
N PHE A 28 5.25 5.12 13.68
CA PHE A 28 3.85 5.26 14.05
C PHE A 28 3.04 4.04 13.63
N HIS A 29 2.03 3.71 14.42
CA HIS A 29 1.05 2.73 14.00
C HIS A 29 -0.30 3.45 13.89
N GLU A 30 -0.77 3.64 12.67
CA GLU A 30 -1.95 4.45 12.43
C GLU A 30 -2.88 3.79 11.42
N THR A 31 -4.16 3.72 11.74
CA THR A 31 -5.16 3.29 10.77
C THR A 31 -5.24 4.32 9.65
N VAL A 32 -5.12 3.87 8.42
CA VAL A 32 -4.91 4.76 7.31
C VAL A 32 -5.63 4.27 6.06
N LYS A 33 -5.94 5.19 5.16
CA LYS A 33 -6.51 4.85 3.87
C LYS A 33 -5.38 4.80 2.86
N VAL A 34 -5.08 3.60 2.39
CA VAL A 34 -3.98 3.42 1.47
C VAL A 34 -4.46 3.44 0.03
N THR A 35 -3.81 4.25 -0.79
CA THR A 35 -4.13 4.33 -2.20
C THR A 35 -2.84 4.43 -3.01
N CYS A 36 -2.95 4.44 -4.32
CA CYS A 36 -1.78 4.58 -5.16
C CYS A 36 -1.66 6.02 -5.64
N SER A 37 -0.43 6.45 -5.82
CA SER A 37 -0.12 7.80 -6.21
C SER A 37 -0.73 8.14 -7.57
N LYS A 38 -0.93 9.43 -7.81
CA LYS A 38 -1.46 9.93 -9.06
C LYS A 38 -0.41 9.77 -10.15
N ASP A 39 0.85 9.74 -9.72
CA ASP A 39 1.96 9.49 -10.62
C ASP A 39 2.09 7.99 -10.87
N GLY A 40 1.77 7.19 -9.86
CA GLY A 40 1.75 5.75 -10.03
C GLY A 40 3.06 5.09 -9.64
N LYS A 41 3.96 5.87 -9.08
CA LYS A 41 5.27 5.37 -8.71
C LYS A 41 5.33 4.99 -7.23
N MET A 42 4.40 5.50 -6.45
CA MET A 42 4.43 5.28 -5.02
C MET A 42 3.05 4.95 -4.48
N LEU A 43 3.02 4.52 -3.24
CA LEU A 43 1.79 4.18 -2.56
C LEU A 43 1.47 5.24 -1.52
N GLU A 44 0.50 6.08 -1.83
CA GLU A 44 0.18 7.20 -0.95
C GLU A 44 -0.96 6.85 -0.03
N TRP A 45 -0.83 7.19 1.22
CA TRP A 45 -1.86 6.88 2.19
C TRP A 45 -2.24 8.09 3.01
N TYR A 46 -3.53 8.24 3.23
CA TYR A 46 -4.06 9.33 4.02
C TYR A 46 -4.74 8.77 5.24
N LYS A 47 -4.46 9.37 6.40
CA LYS A 47 -5.05 8.98 7.68
C LYS A 47 -6.51 8.50 7.53
N GLY A 48 -6.78 7.29 8.03
CA GLY A 48 -8.09 6.69 7.84
C GLY A 48 -8.77 6.43 9.16
N LYS A 49 -8.34 7.12 10.20
CA LYS A 49 -8.94 6.98 11.51
C LYS A 49 -10.15 7.89 11.66
N ASN A 50 -9.92 9.19 11.79
CA ASN A 50 -10.99 10.16 11.95
C ASN A 50 -10.42 11.58 12.01
N ASP A 51 -10.01 12.00 13.19
CA ASP A 51 -9.39 13.31 13.37
C ASP A 51 -8.10 13.15 14.18
N SER A 52 -7.84 11.92 14.58
CA SER A 52 -6.67 11.61 15.39
C SER A 52 -5.48 11.25 14.51
N ASP A 53 -5.25 12.06 13.49
CA ASP A 53 -4.10 11.87 12.61
C ASP A 53 -2.89 12.62 13.14
N GLY A 54 -1.73 11.99 13.08
CA GLY A 54 -0.54 12.59 13.62
C GLY A 54 0.37 13.15 12.54
N LYS A 55 -0.23 13.68 11.48
CA LYS A 55 0.54 14.25 10.39
C LYS A 55 -0.23 15.38 9.70
N LYS A 56 -1.57 15.25 9.71
CA LYS A 56 -2.46 16.20 9.05
C LYS A 56 -2.23 16.22 7.55
N LYS A 57 -1.54 15.18 7.10
CA LYS A 57 -1.18 14.98 5.71
C LYS A 57 -0.93 13.49 5.52
N PRO A 58 -0.54 13.02 4.32
CA PRO A 58 -0.06 11.64 4.18
C PRO A 58 1.02 11.34 5.22
N ILE A 59 0.89 10.20 5.87
CA ILE A 59 1.77 9.84 6.99
C ILE A 59 3.20 9.51 6.54
N GLY A 60 3.51 9.75 5.27
CA GLY A 60 4.82 9.41 4.74
C GLY A 60 4.80 8.18 3.88
N SER A 61 4.17 8.33 2.73
CA SER A 61 4.07 7.30 1.71
C SER A 61 5.44 6.83 1.22
N PHE A 62 5.48 5.66 0.60
CA PHE A 62 6.72 5.10 0.07
C PHE A 62 6.54 4.71 -1.41
N PRO A 63 7.63 4.69 -2.20
CA PRO A 63 7.56 4.32 -3.61
C PRO A 63 7.48 2.80 -3.81
N LEU A 64 6.55 2.37 -4.65
CA LEU A 64 6.26 0.96 -4.85
C LEU A 64 7.41 0.23 -5.53
N ASN A 65 8.23 0.97 -6.27
CA ASN A 65 9.36 0.36 -6.96
C ASN A 65 10.50 0.03 -6.00
N LYS A 66 10.32 0.34 -4.72
CA LYS A 66 11.32 0.03 -3.72
C LYS A 66 11.00 -1.27 -3.00
N ILE A 67 9.80 -1.80 -3.24
CA ILE A 67 9.36 -3.02 -2.55
C ILE A 67 10.26 -4.20 -2.91
N THR A 68 10.73 -4.90 -1.90
CA THR A 68 11.62 -6.02 -2.10
C THR A 68 10.84 -7.33 -2.00
N SER A 69 9.78 -7.34 -1.18
CA SER A 69 8.96 -8.54 -1.03
C SER A 69 7.60 -8.18 -0.41
N ILE A 70 6.52 -8.62 -1.06
CA ILE A 70 5.17 -8.43 -0.53
C ILE A 70 4.50 -9.78 -0.31
N ARG A 71 4.35 -10.16 0.94
CA ARG A 71 3.72 -11.43 1.31
C ARG A 71 2.75 -11.23 2.46
N THR A 72 1.79 -12.12 2.57
CA THR A 72 0.82 -12.06 3.64
C THR A 72 1.48 -12.55 4.91
N LYS A 73 1.18 -11.91 6.04
CA LYS A 73 1.81 -12.28 7.28
C LYS A 73 1.48 -13.72 7.60
N VAL A 74 2.51 -14.54 7.55
CA VAL A 74 2.39 -15.95 7.63
C VAL A 74 1.78 -16.44 8.95
N ASP A 75 1.76 -15.57 9.98
CA ASP A 75 1.19 -15.94 11.27
C ASP A 75 -0.17 -15.27 11.48
N ASN A 76 -0.51 -14.38 10.55
CA ASN A 76 -1.74 -13.60 10.65
C ASN A 76 -2.19 -13.21 9.24
N LEU A 77 -3.10 -13.97 8.69
CA LEU A 77 -3.52 -13.79 7.31
C LEU A 77 -4.32 -12.50 7.11
N LYS A 78 -4.70 -11.86 8.20
CA LYS A 78 -5.41 -10.60 8.12
C LYS A 78 -4.42 -9.44 7.98
N SER A 79 -3.15 -9.77 8.14
CA SER A 79 -2.09 -8.80 8.05
C SER A 79 -1.18 -9.13 6.87
N LEU A 80 -0.41 -8.14 6.44
CA LEU A 80 0.43 -8.26 5.26
C LEU A 80 1.77 -7.59 5.52
N GLU A 81 2.84 -8.38 5.54
CA GLU A 81 4.16 -7.84 5.79
C GLU A 81 4.83 -7.49 4.47
N ILE A 82 5.06 -6.21 4.24
CA ILE A 82 5.71 -5.79 3.02
C ILE A 82 7.10 -5.24 3.30
N SER A 83 8.08 -5.95 2.80
CA SER A 83 9.46 -5.55 2.93
C SER A 83 9.84 -4.67 1.75
N VAL A 84 10.34 -3.50 2.05
CA VAL A 84 10.67 -2.53 1.02
C VAL A 84 12.01 -1.87 1.32
N SER A 85 12.70 -1.47 0.27
CA SER A 85 13.97 -0.77 0.41
C SER A 85 13.68 0.60 1.01
N SER A 86 14.00 0.72 2.28
CA SER A 86 13.48 1.78 3.12
C SER A 86 14.59 2.48 3.90
N VAL A 87 14.30 3.71 4.26
CA VAL A 87 15.17 4.51 5.11
C VAL A 87 14.60 4.45 6.52
N HIS A 88 15.12 5.25 7.46
CA HIS A 88 14.72 5.15 8.88
C HIS A 88 13.21 4.87 9.06
N ILE A 89 12.90 3.59 9.22
CA ILE A 89 11.52 3.11 9.37
C ILE A 89 11.53 1.57 9.32
N SER A 90 10.57 0.96 9.98
CA SER A 90 10.47 -0.48 9.99
C SER A 90 9.68 -1.00 8.80
N THR A 91 9.64 -2.31 8.67
CA THR A 91 8.92 -2.96 7.58
C THR A 91 7.44 -2.60 7.65
N TYR A 92 6.82 -2.41 6.48
CA TYR A 92 5.47 -1.89 6.42
C TYR A 92 4.46 -3.01 6.50
N LEU A 93 3.61 -2.93 7.51
CA LEU A 93 2.57 -3.91 7.72
C LEU A 93 1.22 -3.36 7.34
N PHE A 94 0.64 -3.97 6.33
CA PHE A 94 -0.69 -3.65 5.86
C PHE A 94 -1.66 -4.61 6.53
N THR A 95 -2.47 -4.09 7.43
CA THR A 95 -3.33 -4.96 8.23
C THR A 95 -4.80 -4.62 8.06
N PHE A 96 -5.59 -5.64 7.80
CA PHE A 96 -7.04 -5.47 7.67
C PHE A 96 -7.74 -6.21 8.79
N LYS A 97 -9.05 -6.12 8.80
CA LYS A 97 -9.84 -6.79 9.81
C LYS A 97 -10.20 -8.21 9.39
N THR A 98 -10.01 -8.52 8.11
CA THR A 98 -10.25 -9.87 7.61
C THR A 98 -9.21 -10.22 6.54
N ARG A 99 -9.02 -11.50 6.27
CA ARG A 99 -8.09 -11.91 5.23
C ARG A 99 -8.63 -11.53 3.85
N GLU A 100 -9.90 -11.80 3.62
CA GLU A 100 -10.52 -11.58 2.31
C GLU A 100 -10.33 -10.14 1.83
N GLU A 101 -10.36 -9.20 2.76
CA GLU A 101 -10.20 -7.80 2.43
C GLU A 101 -8.75 -7.49 1.98
N ARG A 102 -7.78 -7.96 2.74
CA ARG A 102 -6.38 -7.71 2.42
C ARG A 102 -5.92 -8.54 1.23
N GLU A 103 -6.52 -9.72 1.09
CA GLU A 103 -6.20 -10.65 0.02
C GLU A 103 -6.31 -9.97 -1.33
N SER A 104 -7.44 -9.30 -1.55
CA SER A 104 -7.68 -8.59 -2.80
C SER A 104 -6.58 -7.57 -3.05
N TRP A 105 -6.13 -6.90 -2.00
CA TRP A 105 -5.18 -5.81 -2.12
C TRP A 105 -3.84 -6.29 -2.69
N GLN A 106 -3.20 -7.25 -2.02
CA GLN A 106 -1.92 -7.77 -2.51
C GLN A 106 -2.06 -8.33 -3.92
N ASN A 107 -3.18 -8.99 -4.20
CA ASN A 107 -3.42 -9.55 -5.53
C ASN A 107 -3.30 -8.47 -6.60
N ASN A 108 -3.86 -7.30 -6.30
CA ASN A 108 -3.85 -6.17 -7.21
C ASN A 108 -2.49 -5.49 -7.21
N LEU A 109 -2.02 -5.12 -6.02
CA LEU A 109 -0.81 -4.34 -5.88
C LEU A 109 0.42 -5.10 -6.38
N GLU A 110 0.44 -6.42 -6.14
CA GLU A 110 1.58 -7.23 -6.56
C GLU A 110 1.72 -7.19 -8.08
N SER A 111 0.61 -7.30 -8.78
CA SER A 111 0.62 -7.25 -10.25
C SER A 111 1.01 -5.86 -10.73
N PHE A 112 0.49 -4.83 -10.07
CA PHE A 112 0.87 -3.45 -10.37
C PHE A 112 2.36 -3.27 -10.11
N ARG A 113 2.85 -3.90 -9.05
CA ARG A 113 4.26 -3.91 -8.73
C ARG A 113 5.05 -4.67 -9.81
N LYS A 114 4.48 -5.76 -10.31
CA LYS A 114 5.13 -6.55 -11.36
C LYS A 114 5.29 -5.73 -12.63
N ILE A 115 4.40 -4.81 -12.88
CA ILE A 115 4.49 -3.95 -14.05
C ILE A 115 5.64 -2.95 -13.91
N MET A 116 6.00 -2.62 -12.67
CA MET A 116 7.01 -1.60 -12.44
C MET A 116 8.36 -2.22 -12.02
N SER A 117 8.31 -3.20 -11.12
CA SER A 117 9.52 -3.80 -10.59
C SER A 117 9.91 -5.05 -11.37
N MET A 118 8.92 -5.78 -11.83
CA MET A 118 9.15 -6.97 -12.65
C MET A 118 8.87 -6.64 -14.10
N LYS A 119 9.15 -5.39 -14.45
CA LYS A 119 8.83 -4.84 -15.76
C LYS A 119 9.61 -5.56 -16.86
N SER A 1 -4.92 5.55 -21.72
CA SER A 1 -3.72 5.09 -22.45
C SER A 1 -4.01 3.78 -23.19
N ALA A 2 -4.74 3.89 -24.29
CA ALA A 2 -5.07 2.76 -25.16
C ALA A 2 -5.91 1.71 -24.43
N LYS A 3 -5.23 0.76 -23.81
CA LYS A 3 -5.89 -0.33 -23.11
C LYS A 3 -5.23 -0.57 -21.77
N ASP A 4 -5.23 0.46 -20.93
CA ASP A 4 -4.70 0.38 -19.56
C ASP A 4 -3.18 0.29 -19.53
N ILE A 5 -2.50 1.07 -20.36
CA ILE A 5 -1.04 0.99 -20.40
C ILE A 5 -0.40 2.03 -19.45
N LYS A 6 -0.29 3.29 -19.86
CA LYS A 6 0.41 4.28 -19.03
C LYS A 6 -0.40 4.73 -17.82
N ASP A 7 -1.49 5.45 -18.09
CA ASP A 7 -2.27 6.10 -17.04
C ASP A 7 -3.28 5.18 -16.38
N GLU A 8 -4.04 4.48 -17.21
CA GLU A 8 -5.15 3.67 -16.74
C GLU A 8 -4.72 2.54 -15.81
N LYS A 9 -3.50 2.00 -16.02
CA LYS A 9 -2.99 0.96 -15.11
C LYS A 9 -2.92 1.50 -13.69
N ILE A 10 -2.53 2.76 -13.59
CA ILE A 10 -2.40 3.42 -12.31
C ILE A 10 -3.77 3.70 -11.71
N GLN A 11 -4.62 4.37 -12.49
CA GLN A 11 -5.92 4.81 -12.01
C GLN A 11 -6.84 3.63 -11.65
N GLN A 12 -6.78 2.56 -12.45
CA GLN A 12 -7.60 1.39 -12.20
C GLN A 12 -7.21 0.73 -10.89
N TYR A 13 -5.95 0.35 -10.79
CA TYR A 13 -5.44 -0.28 -9.59
C TYR A 13 -5.60 0.64 -8.38
N ARG A 14 -5.29 1.92 -8.56
CA ARG A 14 -5.40 2.91 -7.49
C ARG A 14 -6.81 2.90 -6.87
N LYS A 15 -7.80 2.63 -7.69
CA LYS A 15 -9.19 2.58 -7.24
C LYS A 15 -9.38 1.46 -6.21
N THR A 16 -8.96 0.25 -6.58
CA THR A 16 -9.13 -0.91 -5.72
C THR A 16 -8.06 -0.93 -4.63
N LEU A 17 -6.99 -0.21 -4.86
CA LEU A 17 -5.89 -0.14 -3.91
C LEU A 17 -6.26 0.73 -2.70
N THR A 18 -7.32 1.52 -2.83
CA THR A 18 -7.75 2.38 -1.74
C THR A 18 -8.57 1.61 -0.71
N LYS A 19 -8.01 1.45 0.50
CA LYS A 19 -8.65 0.70 1.56
C LYS A 19 -8.34 1.30 2.93
N ILE A 20 -9.23 1.09 3.91
CA ILE A 20 -8.98 1.50 5.28
C ILE A 20 -8.31 0.37 6.05
N VAL A 21 -7.05 0.56 6.39
CA VAL A 21 -6.27 -0.50 7.02
C VAL A 21 -5.46 0.06 8.19
N LYS A 22 -4.80 -0.83 8.92
CA LYS A 22 -3.96 -0.42 10.03
C LYS A 22 -2.49 -0.51 9.64
N ILE A 23 -1.83 0.63 9.65
CA ILE A 23 -0.42 0.69 9.32
C ILE A 23 0.43 0.56 10.57
N LYS A 24 1.56 -0.11 10.43
CA LYS A 24 2.48 -0.30 11.52
C LYS A 24 3.91 -0.01 11.06
N THR A 25 4.46 1.11 11.52
CA THR A 25 5.80 1.54 11.11
C THR A 25 6.67 1.83 12.34
N ALA A 26 7.90 2.27 12.10
CA ALA A 26 8.78 2.70 13.17
C ALA A 26 8.35 4.08 13.68
N ILE A 27 7.66 4.82 12.82
CA ILE A 27 7.23 6.17 13.16
C ILE A 27 5.98 6.11 14.03
N PHE A 28 4.95 5.45 13.51
CA PHE A 28 3.68 5.33 14.22
C PHE A 28 2.81 4.23 13.60
N HIS A 29 2.02 3.59 14.44
CA HIS A 29 1.06 2.60 13.97
C HIS A 29 -0.31 3.27 13.89
N GLU A 30 -0.78 3.51 12.67
CA GLU A 30 -1.98 4.33 12.47
C GLU A 30 -2.93 3.68 11.47
N THR A 31 -4.22 3.73 11.79
CA THR A 31 -5.25 3.34 10.82
C THR A 31 -5.26 4.36 9.70
N VAL A 32 -5.20 3.90 8.47
CA VAL A 32 -5.00 4.80 7.36
C VAL A 32 -5.77 4.34 6.12
N LYS A 33 -6.07 5.27 5.22
CA LYS A 33 -6.63 4.92 3.94
C LYS A 33 -5.49 4.83 2.95
N VAL A 34 -5.21 3.63 2.50
CA VAL A 34 -4.09 3.40 1.62
C VAL A 34 -4.54 3.47 0.18
N THR A 35 -3.85 4.26 -0.62
CA THR A 35 -4.14 4.37 -2.04
C THR A 35 -2.83 4.44 -2.81
N CYS A 36 -2.91 4.48 -4.12
CA CYS A 36 -1.71 4.66 -4.93
C CYS A 36 -1.62 6.11 -5.38
N SER A 37 -0.43 6.52 -5.72
CA SER A 37 -0.16 7.89 -6.06
C SER A 37 -0.79 8.28 -7.39
N LYS A 38 -0.86 9.58 -7.65
CA LYS A 38 -1.32 10.09 -8.92
C LYS A 38 -0.33 9.73 -10.02
N ASP A 39 0.95 9.72 -9.64
CA ASP A 39 2.02 9.33 -10.56
C ASP A 39 2.09 7.82 -10.67
N GLY A 40 1.55 7.13 -9.68
CA GLY A 40 1.52 5.67 -9.70
C GLY A 40 2.79 5.04 -9.17
N LYS A 41 3.84 5.83 -9.07
CA LYS A 41 5.16 5.32 -8.72
C LYS A 41 5.28 5.02 -7.23
N MET A 42 4.34 5.51 -6.44
CA MET A 42 4.41 5.31 -5.01
C MET A 42 3.02 5.03 -4.44
N LEU A 43 3.01 4.52 -3.22
CA LEU A 43 1.79 4.17 -2.53
C LEU A 43 1.50 5.23 -1.48
N GLU A 44 0.53 6.08 -1.77
CA GLU A 44 0.24 7.20 -0.88
C GLU A 44 -0.91 6.84 0.05
N TRP A 45 -0.75 7.16 1.32
CA TRP A 45 -1.79 6.86 2.28
C TRP A 45 -2.15 8.09 3.10
N TYR A 46 -3.45 8.29 3.25
CA TYR A 46 -3.96 9.44 3.98
C TYR A 46 -4.70 8.96 5.21
N LYS A 47 -4.48 9.69 6.31
CA LYS A 47 -5.14 9.45 7.60
C LYS A 47 -6.54 8.85 7.44
N GLY A 48 -6.70 7.62 7.90
CA GLY A 48 -7.95 6.91 7.73
C GLY A 48 -8.61 6.60 9.05
N LYS A 49 -8.12 7.23 10.10
CA LYS A 49 -8.68 7.06 11.44
C LYS A 49 -9.94 7.90 11.58
N ASN A 50 -9.72 9.21 11.68
CA ASN A 50 -10.80 10.18 11.86
C ASN A 50 -10.21 11.56 11.69
N ASP A 51 -10.80 12.56 12.34
CA ASP A 51 -10.29 13.93 12.25
C ASP A 51 -8.86 14.03 12.79
N SER A 52 -8.51 13.14 13.71
CA SER A 52 -7.14 13.04 14.21
C SER A 52 -6.23 12.46 13.13
N ASP A 53 -5.53 13.33 12.42
CA ASP A 53 -4.68 12.92 11.31
C ASP A 53 -3.43 12.24 11.81
N GLY A 54 -2.68 12.97 12.61
CA GLY A 54 -1.38 12.50 13.07
C GLY A 54 -0.25 13.17 12.32
N LYS A 55 -0.47 13.37 11.03
CA LYS A 55 0.50 14.05 10.18
C LYS A 55 -0.14 15.28 9.53
N LYS A 56 -1.48 15.32 9.56
CA LYS A 56 -2.28 16.38 8.94
C LYS A 56 -2.22 16.30 7.41
N LYS A 57 -1.40 15.40 6.93
CA LYS A 57 -1.15 15.20 5.51
C LYS A 57 -0.88 13.71 5.31
N PRO A 58 -0.47 13.22 4.11
CA PRO A 58 -0.01 11.85 3.98
C PRO A 58 1.01 11.52 5.07
N ILE A 59 0.79 10.40 5.73
CA ILE A 59 1.56 10.04 6.92
C ILE A 59 2.99 9.57 6.59
N GLY A 60 3.40 9.73 5.34
CA GLY A 60 4.73 9.29 4.93
C GLY A 60 4.69 8.05 4.08
N SER A 61 4.20 8.23 2.87
CA SER A 61 4.06 7.17 1.87
C SER A 61 5.43 6.69 1.36
N PHE A 62 5.44 5.56 0.64
CA PHE A 62 6.67 5.00 0.10
C PHE A 62 6.48 4.64 -1.38
N PRO A 63 7.56 4.60 -2.18
CA PRO A 63 7.50 4.25 -3.60
C PRO A 63 7.40 2.74 -3.84
N LEU A 64 6.47 2.34 -4.71
CA LEU A 64 6.14 0.92 -4.94
C LEU A 64 7.28 0.15 -5.60
N ASN A 65 8.13 0.86 -6.33
CA ASN A 65 9.25 0.24 -7.04
C ASN A 65 10.30 -0.28 -6.06
N LYS A 66 10.24 0.23 -4.82
CA LYS A 66 11.22 -0.11 -3.81
C LYS A 66 10.85 -1.42 -3.10
N ILE A 67 9.62 -1.88 -3.29
CA ILE A 67 9.14 -3.09 -2.62
C ILE A 67 10.00 -4.28 -2.98
N THR A 68 10.53 -4.95 -1.95
CA THR A 68 11.38 -6.10 -2.16
C THR A 68 10.55 -7.37 -2.15
N SER A 69 9.59 -7.46 -1.23
CA SER A 69 8.71 -8.61 -1.15
C SER A 69 7.39 -8.25 -0.46
N ILE A 70 6.28 -8.43 -1.16
CA ILE A 70 4.96 -8.26 -0.58
C ILE A 70 4.39 -9.63 -0.23
N ARG A 71 4.33 -9.94 1.05
CA ARG A 71 3.89 -11.25 1.50
C ARG A 71 2.96 -11.13 2.71
N THR A 72 2.23 -12.18 2.98
CA THR A 72 1.25 -12.16 4.05
C THR A 72 1.84 -12.69 5.35
N LYS A 73 1.46 -12.08 6.45
CA LYS A 73 1.87 -12.57 7.75
C LYS A 73 1.09 -13.82 8.08
N VAL A 74 1.80 -14.89 8.39
CA VAL A 74 1.17 -16.16 8.66
C VAL A 74 0.53 -16.23 10.03
N ASP A 75 1.11 -15.54 11.00
CA ASP A 75 0.59 -15.58 12.36
C ASP A 75 -0.59 -14.64 12.47
N ASN A 76 -0.88 -13.99 11.36
CA ASN A 76 -1.99 -13.06 11.24
C ASN A 76 -2.27 -12.87 9.77
N LEU A 77 -2.97 -13.85 9.20
CA LEU A 77 -3.23 -13.89 7.77
C LEU A 77 -4.14 -12.74 7.34
N LYS A 78 -4.71 -12.03 8.30
CA LYS A 78 -5.51 -10.85 8.02
C LYS A 78 -4.58 -9.66 7.78
N SER A 79 -3.32 -9.84 8.17
CA SER A 79 -2.31 -8.81 8.03
C SER A 79 -1.37 -9.15 6.88
N LEU A 80 -0.66 -8.16 6.40
CA LEU A 80 0.21 -8.31 5.25
C LEU A 80 1.54 -7.60 5.51
N GLU A 81 2.61 -8.38 5.53
CA GLU A 81 3.92 -7.83 5.83
C GLU A 81 4.65 -7.53 4.52
N ILE A 82 4.90 -6.26 4.26
CA ILE A 82 5.55 -5.86 3.04
C ILE A 82 6.93 -5.32 3.30
N SER A 83 7.93 -6.04 2.83
CA SER A 83 9.29 -5.61 2.95
C SER A 83 9.65 -4.78 1.73
N VAL A 84 10.22 -3.63 1.98
CA VAL A 84 10.58 -2.70 0.93
C VAL A 84 11.96 -2.12 1.18
N SER A 85 12.68 -1.82 0.11
CA SER A 85 13.98 -1.21 0.19
C SER A 85 13.80 0.20 0.73
N SER A 86 14.13 0.36 1.99
CA SER A 86 13.64 1.45 2.78
C SER A 86 14.75 2.27 3.42
N VAL A 87 14.42 3.51 3.70
CA VAL A 87 15.27 4.41 4.43
C VAL A 87 14.71 4.46 5.85
N HIS A 88 15.23 5.30 6.75
CA HIS A 88 14.84 5.32 8.17
C HIS A 88 13.33 5.08 8.38
N ILE A 89 12.99 3.80 8.60
CA ILE A 89 11.61 3.35 8.79
C ILE A 89 11.60 1.82 8.79
N SER A 90 10.71 1.24 9.57
CA SER A 90 10.60 -0.21 9.65
C SER A 90 9.72 -0.77 8.53
N THR A 91 9.62 -2.08 8.47
CA THR A 91 8.86 -2.77 7.44
C THR A 91 7.38 -2.36 7.51
N TYR A 92 6.76 -2.24 6.34
CA TYR A 92 5.40 -1.74 6.26
C TYR A 92 4.40 -2.89 6.39
N LEU A 93 3.56 -2.78 7.39
CA LEU A 93 2.54 -3.79 7.66
C LEU A 93 1.17 -3.28 7.28
N PHE A 94 0.60 -3.92 6.28
CA PHE A 94 -0.74 -3.62 5.82
C PHE A 94 -1.71 -4.57 6.52
N THR A 95 -2.53 -4.06 7.42
CA THR A 95 -3.37 -4.92 8.22
C THR A 95 -4.86 -4.65 7.99
N PHE A 96 -5.57 -5.69 7.57
CA PHE A 96 -7.01 -5.60 7.40
C PHE A 96 -7.71 -6.35 8.52
N LYS A 97 -9.03 -6.35 8.49
CA LYS A 97 -9.82 -7.08 9.46
C LYS A 97 -10.07 -8.52 9.00
N THR A 98 -9.93 -8.78 7.72
CA THR A 98 -10.07 -10.13 7.19
C THR A 98 -8.95 -10.44 6.19
N ARG A 99 -8.71 -11.72 5.97
CA ARG A 99 -7.67 -12.15 5.04
C ARG A 99 -8.08 -11.88 3.60
N GLU A 100 -9.35 -12.11 3.30
CA GLU A 100 -9.83 -11.97 1.93
C GLU A 100 -9.71 -10.53 1.44
N GLU A 101 -9.90 -9.57 2.35
CA GLU A 101 -9.78 -8.17 2.00
C GLU A 101 -8.34 -7.80 1.68
N ARG A 102 -7.40 -8.28 2.49
CA ARG A 102 -5.99 -8.01 2.27
C ARG A 102 -5.50 -8.82 1.06
N GLU A 103 -6.13 -9.97 0.84
CA GLU A 103 -5.82 -10.84 -0.28
C GLU A 103 -5.98 -10.08 -1.59
N SER A 104 -7.15 -9.49 -1.77
CA SER A 104 -7.44 -8.72 -2.98
C SER A 104 -6.38 -7.64 -3.18
N TRP A 105 -6.09 -6.90 -2.12
CA TRP A 105 -5.14 -5.81 -2.16
C TRP A 105 -3.77 -6.29 -2.63
N GLN A 106 -3.24 -7.32 -1.96
CA GLN A 106 -1.96 -7.91 -2.32
C GLN A 106 -1.91 -8.31 -3.79
N ASN A 107 -2.93 -9.04 -4.24
CA ASN A 107 -2.97 -9.53 -5.62
C ASN A 107 -3.00 -8.38 -6.61
N ASN A 108 -3.73 -7.33 -6.26
CA ASN A 108 -3.80 -6.13 -7.09
C ASN A 108 -2.46 -5.41 -7.10
N LEU A 109 -1.93 -5.13 -5.91
CA LEU A 109 -0.72 -4.35 -5.79
C LEU A 109 0.47 -5.05 -6.43
N GLU A 110 0.61 -6.35 -6.20
CA GLU A 110 1.73 -7.10 -6.74
C GLU A 110 1.79 -6.95 -8.25
N SER A 111 0.65 -7.14 -8.90
CA SER A 111 0.59 -7.09 -10.36
C SER A 111 0.92 -5.68 -10.86
N PHE A 112 0.41 -4.67 -10.16
CA PHE A 112 0.70 -3.28 -10.49
C PHE A 112 2.18 -2.98 -10.23
N ARG A 113 2.68 -3.53 -9.13
CA ARG A 113 4.08 -3.44 -8.78
C ARG A 113 4.95 -4.10 -9.84
N LYS A 114 4.47 -5.22 -10.38
CA LYS A 114 5.20 -5.95 -11.41
C LYS A 114 5.38 -5.12 -12.67
N ILE A 115 4.43 -4.24 -12.93
CA ILE A 115 4.52 -3.36 -14.09
C ILE A 115 5.70 -2.41 -13.98
N MET A 116 6.01 -2.00 -12.75
CA MET A 116 7.04 -0.99 -12.53
C MET A 116 8.33 -1.57 -11.97
N SER A 117 8.20 -2.48 -11.00
CA SER A 117 9.37 -3.03 -10.32
C SER A 117 9.85 -4.32 -10.99
N MET A 118 8.90 -5.08 -11.53
CA MET A 118 9.22 -6.34 -12.19
C MET A 118 8.99 -6.19 -13.69
N LYS A 119 9.25 -4.98 -14.17
CA LYS A 119 8.97 -4.60 -15.54
C LYS A 119 9.78 -5.45 -16.52
N SER A 1 -4.11 5.65 -22.36
CA SER A 1 -3.36 5.06 -23.48
C SER A 1 -4.29 4.26 -24.38
N ALA A 2 -4.73 3.10 -23.89
CA ALA A 2 -5.62 2.25 -24.66
C ALA A 2 -6.36 1.27 -23.76
N LYS A 3 -5.70 0.18 -23.40
CA LYS A 3 -6.30 -0.84 -22.55
C LYS A 3 -5.32 -1.32 -21.48
N ASP A 4 -5.31 -0.64 -20.34
CA ASP A 4 -4.52 -1.04 -19.16
C ASP A 4 -3.03 -0.81 -19.33
N ILE A 5 -2.61 0.10 -20.21
CA ILE A 5 -1.16 0.30 -20.38
C ILE A 5 -0.64 1.45 -19.52
N LYS A 6 -0.73 2.69 -19.99
CA LYS A 6 -0.18 3.83 -19.24
C LYS A 6 -1.08 4.26 -18.10
N ASP A 7 -2.21 4.83 -18.46
CA ASP A 7 -3.11 5.49 -17.51
C ASP A 7 -4.02 4.48 -16.85
N GLU A 8 -4.63 3.66 -17.69
CA GLU A 8 -5.69 2.74 -17.29
C GLU A 8 -5.28 1.86 -16.11
N LYS A 9 -4.06 1.33 -16.14
CA LYS A 9 -3.57 0.47 -15.07
C LYS A 9 -3.56 1.24 -13.74
N ILE A 10 -3.14 2.49 -13.79
CA ILE A 10 -3.05 3.33 -12.62
C ILE A 10 -4.44 3.73 -12.14
N GLN A 11 -5.28 4.14 -13.09
CA GLN A 11 -6.64 4.59 -12.77
C GLN A 11 -7.44 3.50 -12.07
N GLN A 12 -7.46 2.30 -12.65
CA GLN A 12 -8.27 1.22 -12.12
C GLN A 12 -7.71 0.70 -10.81
N TYR A 13 -6.42 0.40 -10.80
CA TYR A 13 -5.79 -0.14 -9.60
C TYR A 13 -5.85 0.85 -8.44
N ARG A 14 -5.66 2.13 -8.71
CA ARG A 14 -5.67 3.13 -7.66
C ARG A 14 -7.01 3.11 -6.91
N LYS A 15 -8.07 2.82 -7.64
CA LYS A 15 -9.41 2.73 -7.08
C LYS A 15 -9.51 1.54 -6.12
N THR A 16 -9.08 0.37 -6.59
CA THR A 16 -9.21 -0.85 -5.81
C THR A 16 -8.13 -0.91 -4.72
N LEU A 17 -7.06 -0.14 -4.92
CA LEU A 17 -5.96 -0.09 -3.97
C LEU A 17 -6.34 0.73 -2.73
N THR A 18 -7.35 1.58 -2.86
CA THR A 18 -7.77 2.42 -1.74
C THR A 18 -8.54 1.61 -0.70
N LYS A 19 -7.92 1.40 0.44
CA LYS A 19 -8.50 0.57 1.50
C LYS A 19 -8.21 1.16 2.88
N ILE A 20 -9.12 0.93 3.83
CA ILE A 20 -8.90 1.30 5.22
C ILE A 20 -8.15 0.18 5.95
N VAL A 21 -6.91 0.44 6.30
CA VAL A 21 -6.08 -0.58 6.92
C VAL A 21 -5.30 -0.01 8.08
N LYS A 22 -4.73 -0.89 8.89
CA LYS A 22 -3.88 -0.46 9.99
C LYS A 22 -2.43 -0.52 9.58
N ILE A 23 -1.79 0.64 9.58
CA ILE A 23 -0.37 0.71 9.29
C ILE A 23 0.41 0.57 10.57
N LYS A 24 1.48 -0.18 10.50
CA LYS A 24 2.26 -0.52 11.66
C LYS A 24 3.75 -0.38 11.37
N THR A 25 4.35 0.68 11.88
CA THR A 25 5.75 0.97 11.64
C THR A 25 6.48 1.21 12.95
N ALA A 26 7.78 1.53 12.87
CA ALA A 26 8.52 1.90 14.07
C ALA A 26 8.20 3.33 14.47
N ILE A 27 7.77 4.12 13.48
CA ILE A 27 7.47 5.52 13.71
C ILE A 27 6.13 5.64 14.43
N PHE A 28 5.10 5.07 13.84
CA PHE A 28 3.76 5.10 14.42
C PHE A 28 2.88 4.02 13.81
N HIS A 29 1.97 3.48 14.62
CA HIS A 29 0.97 2.54 14.13
C HIS A 29 -0.35 3.27 13.96
N GLU A 30 -0.77 3.48 12.71
CA GLU A 30 -1.92 4.34 12.42
C GLU A 30 -2.90 3.65 11.47
N THR A 31 -4.19 3.73 11.76
CA THR A 31 -5.19 3.30 10.80
C THR A 31 -5.23 4.31 9.66
N VAL A 32 -5.15 3.82 8.45
CA VAL A 32 -4.92 4.70 7.32
C VAL A 32 -5.70 4.24 6.09
N LYS A 33 -5.99 5.18 5.21
CA LYS A 33 -6.55 4.84 3.92
C LYS A 33 -5.42 4.78 2.92
N VAL A 34 -5.12 3.58 2.45
CA VAL A 34 -4.02 3.39 1.54
C VAL A 34 -4.49 3.44 0.10
N THR A 35 -3.82 4.22 -0.71
CA THR A 35 -4.13 4.31 -2.12
C THR A 35 -2.84 4.36 -2.92
N CYS A 36 -2.94 4.35 -4.24
CA CYS A 36 -1.76 4.48 -5.07
C CYS A 36 -1.66 5.90 -5.59
N SER A 37 -0.46 6.29 -5.92
CA SER A 37 -0.20 7.63 -6.45
C SER A 37 -0.91 7.83 -7.77
N LYS A 38 -1.16 9.09 -8.09
CA LYS A 38 -1.80 9.45 -9.34
C LYS A 38 -0.78 9.36 -10.48
N ASP A 39 0.48 9.36 -10.10
CA ASP A 39 1.57 9.17 -11.04
C ASP A 39 1.77 7.67 -11.31
N GLY A 40 1.38 6.86 -10.32
CA GLY A 40 1.42 5.42 -10.48
C GLY A 40 2.77 4.82 -10.12
N LYS A 41 3.57 5.59 -9.40
CA LYS A 41 4.91 5.15 -9.03
C LYS A 41 4.99 4.73 -7.57
N MET A 42 4.15 5.33 -6.74
CA MET A 42 4.27 5.12 -5.30
C MET A 42 2.92 4.82 -4.67
N LEU A 43 2.97 4.45 -3.41
CA LEU A 43 1.78 4.11 -2.66
C LEU A 43 1.52 5.19 -1.62
N GLU A 44 0.51 6.01 -1.89
CA GLU A 44 0.21 7.15 -1.02
C GLU A 44 -0.88 6.77 -0.04
N TRP A 45 -0.70 7.13 1.21
CA TRP A 45 -1.70 6.80 2.21
C TRP A 45 -2.06 8.02 3.04
N TYR A 46 -3.35 8.19 3.27
CA TYR A 46 -3.85 9.31 4.05
C TYR A 46 -4.60 8.79 5.25
N LYS A 47 -4.36 9.43 6.39
CA LYS A 47 -5.02 9.10 7.66
C LYS A 47 -6.48 8.70 7.46
N GLY A 48 -6.81 7.47 7.85
CA GLY A 48 -8.15 6.96 7.63
C GLY A 48 -8.90 6.72 8.92
N LYS A 49 -8.31 7.17 10.02
CA LYS A 49 -8.93 7.05 11.34
C LYS A 49 -10.10 8.03 11.45
N ASN A 50 -9.74 9.28 11.69
CA ASN A 50 -10.68 10.36 11.91
C ASN A 50 -9.86 11.62 12.10
N ASP A 51 -10.36 12.60 12.84
CA ASP A 51 -9.55 13.76 13.19
C ASP A 51 -8.58 13.39 14.31
N SER A 52 -7.49 12.75 13.92
CA SER A 52 -6.46 12.32 14.87
C SER A 52 -5.12 12.20 14.17
N ASP A 53 -4.97 12.94 13.09
CA ASP A 53 -3.76 12.91 12.29
C ASP A 53 -2.77 13.96 12.76
N GLY A 54 -1.71 13.51 13.40
CA GLY A 54 -0.67 14.41 13.86
C GLY A 54 0.24 14.88 12.73
N LYS A 55 -0.10 14.47 11.52
CA LYS A 55 0.66 14.85 10.35
C LYS A 55 -0.11 15.87 9.52
N LYS A 56 -1.44 15.77 9.61
CA LYS A 56 -2.37 16.61 8.84
C LYS A 56 -2.11 16.48 7.35
N LYS A 57 -1.41 15.42 7.00
CA LYS A 57 -0.96 15.15 5.63
C LYS A 57 -0.70 13.65 5.52
N PRO A 58 -0.27 13.13 4.34
CA PRO A 58 0.18 11.75 4.24
C PRO A 58 1.20 11.41 5.34
N ILE A 59 1.07 10.23 5.90
CA ILE A 59 1.90 9.81 7.03
C ILE A 59 3.31 9.41 6.61
N GLY A 60 3.65 9.64 5.35
CA GLY A 60 4.95 9.26 4.83
C GLY A 60 4.89 8.05 3.95
N SER A 61 4.28 8.23 2.79
CA SER A 61 4.14 7.21 1.77
C SER A 61 5.49 6.77 1.21
N PHE A 62 5.50 5.66 0.46
CA PHE A 62 6.72 5.13 -0.13
C PHE A 62 6.48 4.71 -1.58
N PRO A 63 7.54 4.69 -2.43
CA PRO A 63 7.42 4.28 -3.82
C PRO A 63 7.40 2.75 -3.98
N LEU A 64 6.46 2.27 -4.79
CA LEU A 64 6.21 0.84 -4.96
C LEU A 64 7.39 0.12 -5.61
N ASN A 65 8.21 0.87 -6.31
CA ASN A 65 9.39 0.32 -6.97
C ASN A 65 10.47 -0.09 -5.96
N LYS A 66 10.31 0.34 -4.72
CA LYS A 66 11.30 0.06 -3.68
C LYS A 66 11.00 -1.26 -2.97
N ILE A 67 9.80 -1.79 -3.19
CA ILE A 67 9.36 -3.00 -2.49
C ILE A 67 10.28 -4.18 -2.76
N THR A 68 10.73 -4.82 -1.70
CA THR A 68 11.59 -5.97 -1.83
C THR A 68 10.76 -7.25 -1.80
N SER A 69 9.73 -7.27 -0.96
CA SER A 69 8.86 -8.43 -0.85
C SER A 69 7.51 -8.07 -0.22
N ILE A 70 6.44 -8.30 -0.96
CA ILE A 70 5.08 -8.11 -0.45
C ILE A 70 4.46 -9.47 -0.15
N ARG A 71 4.33 -9.79 1.14
CA ARG A 71 3.86 -11.10 1.56
C ARG A 71 2.79 -11.00 2.62
N THR A 72 2.08 -12.09 2.80
CA THR A 72 1.07 -12.19 3.82
C THR A 72 1.69 -12.73 5.10
N LYS A 73 1.37 -12.09 6.22
CA LYS A 73 1.94 -12.51 7.49
C LYS A 73 1.49 -13.92 7.85
N VAL A 74 2.47 -14.79 8.00
CA VAL A 74 2.22 -16.20 8.29
C VAL A 74 1.49 -16.39 9.62
N ASP A 75 1.76 -15.50 10.56
CA ASP A 75 1.18 -15.60 11.90
C ASP A 75 -0.05 -14.71 12.04
N ASN A 76 -0.53 -14.19 10.91
CA ASN A 76 -1.73 -13.37 10.89
C ASN A 76 -2.16 -13.11 9.45
N LEU A 77 -3.02 -13.98 8.92
CA LEU A 77 -3.45 -13.91 7.53
C LEU A 77 -4.28 -12.66 7.26
N LYS A 78 -4.69 -11.97 8.31
CA LYS A 78 -5.47 -10.75 8.15
C LYS A 78 -4.53 -9.57 7.89
N SER A 79 -3.24 -9.84 8.05
CA SER A 79 -2.22 -8.83 7.91
C SER A 79 -1.29 -9.19 6.75
N LEU A 80 -0.55 -8.20 6.30
CA LEU A 80 0.32 -8.34 5.14
C LEU A 80 1.64 -7.64 5.42
N GLU A 81 2.72 -8.41 5.46
CA GLU A 81 4.01 -7.86 5.77
C GLU A 81 4.76 -7.51 4.49
N ILE A 82 4.98 -6.23 4.28
CA ILE A 82 5.66 -5.77 3.09
C ILE A 82 7.02 -5.16 3.42
N SER A 83 8.06 -5.83 2.97
CA SER A 83 9.40 -5.32 3.12
C SER A 83 9.75 -4.49 1.90
N VAL A 84 10.34 -3.34 2.14
CA VAL A 84 10.70 -2.44 1.06
C VAL A 84 12.06 -1.81 1.34
N SER A 85 12.77 -1.45 0.28
CA SER A 85 14.06 -0.79 0.42
C SER A 85 13.79 0.60 0.97
N SER A 86 14.09 0.74 2.24
CA SER A 86 13.53 1.79 3.06
C SER A 86 14.60 2.60 3.77
N VAL A 87 14.21 3.81 4.13
CA VAL A 87 15.02 4.67 4.98
C VAL A 87 14.43 4.60 6.38
N HIS A 88 14.90 5.43 7.30
CA HIS A 88 14.47 5.38 8.72
C HIS A 88 12.97 5.06 8.86
N ILE A 89 12.68 3.77 9.09
CA ILE A 89 11.33 3.25 9.23
C ILE A 89 11.39 1.73 9.25
N SER A 90 10.40 1.10 9.87
CA SER A 90 10.34 -0.34 9.95
C SER A 90 9.58 -0.90 8.75
N THR A 91 9.55 -2.22 8.66
CA THR A 91 8.84 -2.89 7.58
C THR A 91 7.36 -2.54 7.64
N TYR A 92 6.77 -2.32 6.48
CA TYR A 92 5.42 -1.81 6.41
C TYR A 92 4.42 -2.96 6.46
N LEU A 93 3.58 -2.91 7.47
CA LEU A 93 2.55 -3.92 7.65
C LEU A 93 1.21 -3.37 7.23
N PHE A 94 0.65 -3.99 6.22
CA PHE A 94 -0.68 -3.67 5.74
C PHE A 94 -1.65 -4.61 6.43
N THR A 95 -2.46 -4.07 7.32
CA THR A 95 -3.29 -4.92 8.15
C THR A 95 -4.77 -4.58 8.02
N PHE A 96 -5.54 -5.57 7.60
CA PHE A 96 -6.99 -5.42 7.51
C PHE A 96 -7.64 -6.16 8.65
N LYS A 97 -8.96 -6.13 8.70
CA LYS A 97 -9.70 -6.83 9.74
C LYS A 97 -9.97 -8.27 9.35
N THR A 98 -9.83 -8.58 8.07
CA THR A 98 -9.98 -9.95 7.59
C THR A 98 -8.91 -10.28 6.55
N ARG A 99 -8.78 -11.56 6.22
CA ARG A 99 -7.85 -11.96 5.16
C ARG A 99 -8.37 -11.50 3.82
N GLU A 100 -9.63 -11.75 3.61
CA GLU A 100 -10.25 -11.60 2.31
C GLU A 100 -10.16 -10.17 1.80
N GLU A 101 -10.24 -9.22 2.73
CA GLU A 101 -10.11 -7.81 2.40
C GLU A 101 -8.66 -7.46 2.03
N ARG A 102 -7.69 -7.99 2.79
CA ARG A 102 -6.28 -7.73 2.50
C ARG A 102 -5.83 -8.53 1.28
N GLU A 103 -6.48 -9.66 1.07
CA GLU A 103 -6.08 -10.61 0.05
C GLU A 103 -6.13 -9.95 -1.33
N SER A 104 -7.29 -9.38 -1.65
CA SER A 104 -7.50 -8.71 -2.94
C SER A 104 -6.44 -7.64 -3.17
N TRP A 105 -6.12 -6.90 -2.11
CA TRP A 105 -5.18 -5.79 -2.20
C TRP A 105 -3.82 -6.27 -2.72
N GLN A 106 -3.22 -7.25 -2.04
CA GLN A 106 -1.94 -7.80 -2.47
C GLN A 106 -2.00 -8.28 -3.91
N ASN A 107 -3.10 -8.94 -4.27
CA ASN A 107 -3.25 -9.48 -5.62
C ASN A 107 -3.16 -8.36 -6.65
N ASN A 108 -3.82 -7.26 -6.35
CA ASN A 108 -3.83 -6.09 -7.23
C ASN A 108 -2.46 -5.41 -7.23
N LEU A 109 -1.96 -5.13 -6.03
CA LEU A 109 -0.71 -4.38 -5.89
C LEU A 109 0.45 -5.18 -6.46
N GLU A 110 0.45 -6.50 -6.26
CA GLU A 110 1.51 -7.35 -6.78
C GLU A 110 1.58 -7.26 -8.29
N SER A 111 0.42 -7.28 -8.94
CA SER A 111 0.36 -7.21 -10.38
C SER A 111 0.79 -5.83 -10.86
N PHE A 112 0.31 -4.79 -10.19
CA PHE A 112 0.71 -3.43 -10.50
C PHE A 112 2.20 -3.25 -10.26
N ARG A 113 2.70 -3.91 -9.22
CA ARG A 113 4.11 -3.96 -8.92
C ARG A 113 4.87 -4.66 -10.04
N LYS A 114 4.29 -5.74 -10.56
CA LYS A 114 4.90 -6.48 -11.64
C LYS A 114 4.99 -5.65 -12.90
N ILE A 115 3.99 -4.82 -13.16
CA ILE A 115 4.02 -3.94 -14.33
C ILE A 115 5.18 -2.97 -14.24
N MET A 116 5.62 -2.66 -13.03
CA MET A 116 6.66 -1.66 -12.82
C MET A 116 8.01 -2.29 -12.55
N SER A 117 8.03 -3.31 -11.71
CA SER A 117 9.29 -3.92 -11.28
C SER A 117 9.60 -5.16 -12.11
N MET A 118 8.57 -5.92 -12.45
CA MET A 118 8.74 -7.10 -13.30
C MET A 118 8.36 -6.72 -14.72
N LYS A 119 8.60 -5.46 -15.06
CA LYS A 119 8.24 -4.89 -16.33
C LYS A 119 8.96 -5.60 -17.47
N SER A 1 -3.34 5.20 -21.73
CA SER A 1 -2.57 5.77 -22.85
C SER A 1 -2.76 4.91 -24.11
N ALA A 2 -2.07 3.77 -24.18
CA ALA A 2 -2.26 2.85 -25.29
C ALA A 2 -3.51 2.00 -25.07
N LYS A 3 -3.37 0.91 -24.34
CA LYS A 3 -4.51 0.09 -23.96
C LYS A 3 -4.31 -0.50 -22.58
N ASP A 4 -4.51 0.33 -21.56
CA ASP A 4 -4.34 -0.08 -20.16
C ASP A 4 -2.90 -0.46 -19.88
N ILE A 5 -1.95 0.37 -20.26
CA ILE A 5 -0.56 0.03 -20.05
C ILE A 5 0.00 0.64 -18.76
N LYS A 6 0.50 1.88 -18.85
CA LYS A 6 1.03 2.56 -17.67
C LYS A 6 -0.05 3.20 -16.81
N ASP A 7 -0.72 4.17 -17.39
CA ASP A 7 -1.59 5.11 -16.66
C ASP A 7 -2.92 4.49 -16.30
N GLU A 8 -3.56 3.87 -17.28
CA GLU A 8 -4.86 3.26 -17.09
C GLU A 8 -4.81 2.15 -16.04
N LYS A 9 -3.67 1.47 -15.95
CA LYS A 9 -3.48 0.48 -14.90
C LYS A 9 -3.41 1.17 -13.55
N ILE A 10 -2.70 2.29 -13.50
CA ILE A 10 -2.63 3.11 -12.29
C ILE A 10 -4.04 3.46 -11.81
N GLN A 11 -4.83 4.01 -12.74
CA GLN A 11 -6.19 4.44 -12.43
C GLN A 11 -7.05 3.28 -11.93
N GLN A 12 -7.00 2.18 -12.67
CA GLN A 12 -7.83 1.01 -12.36
C GLN A 12 -7.44 0.41 -11.01
N TYR A 13 -6.16 0.19 -10.83
CA TYR A 13 -5.66 -0.39 -9.59
C TYR A 13 -5.90 0.54 -8.41
N ARG A 14 -5.63 1.83 -8.59
CA ARG A 14 -5.79 2.81 -7.52
C ARG A 14 -7.21 2.77 -6.95
N LYS A 15 -8.17 2.45 -7.81
CA LYS A 15 -9.57 2.31 -7.42
C LYS A 15 -9.72 1.27 -6.32
N THR A 16 -9.19 0.09 -6.56
CA THR A 16 -9.34 -1.03 -5.62
C THR A 16 -8.25 -0.98 -4.55
N LEU A 17 -7.20 -0.24 -4.83
CA LEU A 17 -6.04 -0.16 -3.94
C LEU A 17 -6.36 0.70 -2.72
N THR A 18 -7.36 1.56 -2.84
CA THR A 18 -7.75 2.44 -1.74
C THR A 18 -8.51 1.67 -0.66
N LYS A 19 -7.86 1.47 0.48
CA LYS A 19 -8.42 0.69 1.57
C LYS A 19 -8.13 1.33 2.92
N ILE A 20 -9.05 1.16 3.89
CA ILE A 20 -8.79 1.59 5.26
C ILE A 20 -8.11 0.47 6.03
N VAL A 21 -6.85 0.67 6.35
CA VAL A 21 -6.05 -0.37 7.00
C VAL A 21 -5.31 0.18 8.20
N LYS A 22 -4.68 -0.71 8.93
CA LYS A 22 -3.87 -0.33 10.07
C LYS A 22 -2.40 -0.45 9.73
N ILE A 23 -1.71 0.68 9.75
CA ILE A 23 -0.30 0.70 9.46
C ILE A 23 0.51 0.54 10.73
N LYS A 24 1.57 -0.22 10.62
CA LYS A 24 2.43 -0.49 11.75
C LYS A 24 3.89 -0.25 11.38
N THR A 25 4.45 0.83 11.91
CA THR A 25 5.85 1.17 11.65
C THR A 25 6.59 1.43 12.96
N ALA A 26 7.87 1.75 12.89
CA ALA A 26 8.63 2.11 14.08
C ALA A 26 8.34 3.56 14.45
N ILE A 27 7.86 4.32 13.48
CA ILE A 27 7.53 5.71 13.69
C ILE A 27 6.21 5.83 14.42
N PHE A 28 5.17 5.25 13.83
CA PHE A 28 3.83 5.26 14.44
C PHE A 28 2.95 4.17 13.81
N HIS A 29 2.06 3.62 14.62
CA HIS A 29 1.09 2.66 14.12
C HIS A 29 -0.25 3.39 13.95
N GLU A 30 -0.65 3.60 12.72
CA GLU A 30 -1.78 4.49 12.42
C GLU A 30 -2.80 3.81 11.51
N THR A 31 -4.08 4.02 11.76
CA THR A 31 -5.11 3.59 10.84
C THR A 31 -5.15 4.56 9.66
N VAL A 32 -5.05 4.04 8.46
CA VAL A 32 -4.85 4.90 7.32
C VAL A 32 -5.59 4.38 6.09
N LYS A 33 -5.92 5.29 5.18
CA LYS A 33 -6.48 4.91 3.90
C LYS A 33 -5.35 4.83 2.89
N VAL A 34 -5.05 3.63 2.46
CA VAL A 34 -3.94 3.41 1.56
C VAL A 34 -4.42 3.43 0.13
N THR A 35 -3.79 4.25 -0.69
CA THR A 35 -4.11 4.33 -2.10
C THR A 35 -2.82 4.46 -2.90
N CYS A 36 -2.92 4.47 -4.21
CA CYS A 36 -1.75 4.68 -5.03
C CYS A 36 -1.71 6.11 -5.53
N SER A 37 -0.51 6.58 -5.82
CA SER A 37 -0.30 7.95 -6.23
C SER A 37 -0.80 8.16 -7.66
N LYS A 38 -0.90 9.42 -8.06
CA LYS A 38 -1.35 9.77 -9.40
C LYS A 38 -0.24 9.43 -10.40
N ASP A 39 0.98 9.32 -9.89
CA ASP A 39 2.11 8.89 -10.69
C ASP A 39 2.15 7.37 -10.78
N GLY A 40 1.50 6.72 -9.83
CA GLY A 40 1.52 5.27 -9.75
C GLY A 40 2.79 4.74 -9.12
N LYS A 41 3.82 5.58 -9.12
CA LYS A 41 5.17 5.18 -8.73
C LYS A 41 5.27 4.95 -7.22
N MET A 42 4.36 5.52 -6.45
CA MET A 42 4.41 5.38 -5.02
C MET A 42 3.03 5.10 -4.46
N LEU A 43 3.00 4.59 -3.24
CA LEU A 43 1.77 4.24 -2.58
C LEU A 43 1.47 5.28 -1.51
N GLU A 44 0.52 6.15 -1.79
CA GLU A 44 0.20 7.24 -0.89
C GLU A 44 -0.95 6.89 0.03
N TRP A 45 -0.80 7.20 1.29
CA TRP A 45 -1.83 6.89 2.25
C TRP A 45 -2.22 8.12 3.05
N TYR A 46 -3.51 8.28 3.26
CA TYR A 46 -4.04 9.41 4.00
C TYR A 46 -4.74 8.91 5.25
N LYS A 47 -4.48 9.59 6.36
CA LYS A 47 -5.11 9.28 7.65
C LYS A 47 -6.56 8.81 7.49
N GLY A 48 -6.82 7.58 7.92
CA GLY A 48 -8.13 7.00 7.77
C GLY A 48 -8.74 6.63 9.10
N LYS A 49 -8.27 7.29 10.14
CA LYS A 49 -8.74 7.04 11.49
C LYS A 49 -10.14 7.62 11.70
N ASN A 50 -10.80 7.15 12.75
CA ASN A 50 -12.03 7.76 13.22
C ASN A 50 -11.71 8.60 14.46
N ASP A 51 -10.46 9.01 14.55
CA ASP A 51 -9.96 9.81 15.66
C ASP A 51 -9.42 11.14 15.18
N SER A 52 -8.19 11.13 14.67
CA SER A 52 -7.55 12.36 14.18
C SER A 52 -6.25 12.03 13.46
N ASP A 53 -5.64 13.04 12.85
CA ASP A 53 -4.37 12.90 12.17
C ASP A 53 -3.30 13.71 12.87
N GLY A 54 -2.12 13.12 13.03
CA GLY A 54 -1.03 13.80 13.70
C GLY A 54 -0.32 14.77 12.79
N LYS A 55 -0.43 14.54 11.49
CA LYS A 55 0.23 15.39 10.50
C LYS A 55 -0.79 16.17 9.69
N LYS A 56 -2.07 15.76 9.75
CA LYS A 56 -3.14 16.37 8.96
C LYS A 56 -2.89 16.19 7.47
N LYS A 57 -1.97 15.29 7.15
CA LYS A 57 -1.51 15.06 5.79
C LYS A 57 -1.10 13.60 5.65
N PRO A 58 -0.69 13.13 4.45
CA PRO A 58 -0.13 11.79 4.30
C PRO A 58 0.93 11.49 5.35
N ILE A 59 0.86 10.31 5.92
CA ILE A 59 1.71 9.93 7.05
C ILE A 59 3.11 9.51 6.60
N GLY A 60 3.42 9.74 5.33
CA GLY A 60 4.74 9.41 4.81
C GLY A 60 4.75 8.16 3.95
N SER A 61 4.13 8.29 2.80
CA SER A 61 4.02 7.22 1.82
C SER A 61 5.38 6.78 1.27
N PHE A 62 5.42 5.60 0.63
CA PHE A 62 6.66 5.04 0.09
C PHE A 62 6.50 4.66 -1.38
N PRO A 63 7.60 4.60 -2.15
CA PRO A 63 7.56 4.23 -3.57
C PRO A 63 7.44 2.72 -3.79
N LEU A 64 6.51 2.33 -4.66
CA LEU A 64 6.20 0.92 -4.89
C LEU A 64 7.34 0.16 -5.54
N ASN A 65 8.20 0.87 -6.26
CA ASN A 65 9.33 0.23 -6.93
C ASN A 65 10.43 -0.17 -5.95
N LYS A 66 10.24 0.20 -4.69
CA LYS A 66 11.21 -0.13 -3.65
C LYS A 66 10.85 -1.43 -2.96
N ILE A 67 9.64 -1.94 -3.21
CA ILE A 67 9.18 -3.16 -2.57
C ILE A 67 10.04 -4.35 -2.99
N THR A 68 10.64 -5.01 -2.01
CA THR A 68 11.49 -6.15 -2.28
C THR A 68 10.67 -7.43 -2.19
N SER A 69 9.63 -7.42 -1.36
CA SER A 69 8.74 -8.56 -1.23
C SER A 69 7.42 -8.13 -0.59
N ILE A 70 6.32 -8.59 -1.15
CA ILE A 70 5.00 -8.34 -0.60
C ILE A 70 4.32 -9.67 -0.27
N ARG A 71 4.22 -9.98 1.01
CA ARG A 71 3.67 -11.27 1.44
C ARG A 71 2.76 -11.13 2.64
N THR A 72 1.91 -12.13 2.80
CA THR A 72 0.97 -12.18 3.90
C THR A 72 1.67 -12.64 5.16
N LYS A 73 1.32 -12.05 6.29
CA LYS A 73 1.89 -12.46 7.54
C LYS A 73 1.41 -13.86 7.90
N VAL A 74 2.36 -14.75 8.08
CA VAL A 74 2.05 -16.14 8.40
C VAL A 74 1.44 -16.27 9.80
N ASP A 75 1.72 -15.28 10.64
CA ASP A 75 1.17 -15.24 11.99
C ASP A 75 -0.25 -14.68 11.99
N ASN A 76 -0.59 -13.94 10.95
CA ASN A 76 -1.87 -13.25 10.87
C ASN A 76 -2.23 -12.99 9.41
N LEU A 77 -3.12 -13.82 8.89
CA LEU A 77 -3.50 -13.76 7.47
C LEU A 77 -4.30 -12.53 7.14
N LYS A 78 -4.73 -11.79 8.16
CA LYS A 78 -5.46 -10.55 7.94
C LYS A 78 -4.49 -9.40 7.80
N SER A 79 -3.22 -9.70 8.05
CA SER A 79 -2.18 -8.71 7.96
C SER A 79 -1.22 -9.06 6.83
N LEU A 80 -0.53 -8.06 6.35
CA LEU A 80 0.35 -8.20 5.22
C LEU A 80 1.69 -7.55 5.53
N GLU A 81 2.74 -8.35 5.58
CA GLU A 81 4.05 -7.85 5.90
C GLU A 81 4.81 -7.61 4.61
N ILE A 82 5.08 -6.34 4.32
CA ILE A 82 5.74 -5.98 3.08
C ILE A 82 7.13 -5.47 3.35
N SER A 83 8.11 -6.18 2.83
CA SER A 83 9.48 -5.77 2.94
C SER A 83 9.82 -4.89 1.75
N VAL A 84 10.11 -3.65 2.04
CA VAL A 84 10.46 -2.69 1.00
C VAL A 84 11.82 -2.09 1.32
N SER A 85 12.54 -1.64 0.30
CA SER A 85 13.80 -0.98 0.51
C SER A 85 13.53 0.35 1.17
N SER A 86 13.79 0.41 2.47
CA SER A 86 13.28 1.46 3.30
C SER A 86 14.36 2.46 3.71
N VAL A 87 13.91 3.66 3.99
CA VAL A 87 14.70 4.68 4.63
C VAL A 87 14.22 4.72 6.08
N HIS A 88 14.70 5.64 6.92
CA HIS A 88 14.32 5.67 8.35
C HIS A 88 12.84 5.34 8.59
N ILE A 89 12.59 4.06 8.93
CA ILE A 89 11.24 3.54 9.15
C ILE A 89 11.34 2.01 9.22
N SER A 90 10.31 1.37 9.73
CA SER A 90 10.30 -0.07 9.89
C SER A 90 9.61 -0.72 8.69
N THR A 91 9.61 -2.05 8.67
CA THR A 91 8.97 -2.81 7.61
C THR A 91 7.47 -2.48 7.59
N TYR A 92 6.88 -2.39 6.41
CA TYR A 92 5.54 -1.89 6.28
C TYR A 92 4.51 -3.00 6.42
N LEU A 93 3.65 -2.84 7.40
CA LEU A 93 2.58 -3.80 7.64
C LEU A 93 1.23 -3.23 7.24
N PHE A 94 0.66 -3.84 6.23
CA PHE A 94 -0.67 -3.52 5.76
C PHE A 94 -1.65 -4.47 6.45
N THR A 95 -2.46 -3.95 7.37
CA THR A 95 -3.28 -4.81 8.19
C THR A 95 -4.76 -4.52 8.00
N PHE A 96 -5.52 -5.58 7.75
CA PHE A 96 -6.96 -5.48 7.57
C PHE A 96 -7.69 -6.31 8.62
N LYS A 97 -9.01 -6.33 8.52
CA LYS A 97 -9.82 -7.12 9.44
C LYS A 97 -9.96 -8.55 8.92
N THR A 98 -9.96 -8.70 7.61
CA THR A 98 -10.19 -10.00 6.98
C THR A 98 -9.10 -10.31 5.98
N ARG A 99 -8.86 -11.60 5.72
CA ARG A 99 -7.90 -11.99 4.69
C ARG A 99 -8.40 -11.55 3.33
N GLU A 100 -9.70 -11.68 3.12
CA GLU A 100 -10.29 -11.38 1.82
C GLU A 100 -9.90 -9.99 1.34
N GLU A 101 -9.99 -9.03 2.24
CA GLU A 101 -9.66 -7.64 1.94
C GLU A 101 -8.19 -7.48 1.55
N ARG A 102 -7.29 -8.02 2.37
CA ARG A 102 -5.86 -7.88 2.12
C ARG A 102 -5.39 -8.76 0.96
N GLU A 103 -6.03 -9.92 0.83
CA GLU A 103 -5.71 -10.87 -0.23
C GLU A 103 -5.89 -10.22 -1.59
N SER A 104 -7.07 -9.64 -1.80
CA SER A 104 -7.36 -8.92 -3.02
C SER A 104 -6.34 -7.81 -3.25
N TRP A 105 -6.08 -7.04 -2.19
CA TRP A 105 -5.16 -5.92 -2.26
C TRP A 105 -3.78 -6.36 -2.75
N GLN A 106 -3.19 -7.34 -2.06
CA GLN A 106 -1.89 -7.88 -2.43
C GLN A 106 -1.87 -8.33 -3.89
N ASN A 107 -2.87 -9.10 -4.29
CA ASN A 107 -2.93 -9.63 -5.65
C ASN A 107 -3.02 -8.51 -6.68
N ASN A 108 -3.73 -7.45 -6.33
CA ASN A 108 -3.83 -6.28 -7.19
C ASN A 108 -2.49 -5.55 -7.23
N LEU A 109 -1.99 -5.20 -6.04
CA LEU A 109 -0.80 -4.38 -5.93
C LEU A 109 0.43 -5.10 -6.50
N GLU A 110 0.53 -6.40 -6.28
CA GLU A 110 1.68 -7.15 -6.75
C GLU A 110 1.78 -7.09 -8.26
N SER A 111 0.65 -7.26 -8.94
CA SER A 111 0.61 -7.22 -10.40
C SER A 111 0.88 -5.81 -10.91
N PHE A 112 0.33 -4.82 -10.19
CA PHE A 112 0.59 -3.42 -10.49
C PHE A 112 2.06 -3.11 -10.29
N ARG A 113 2.62 -3.70 -9.23
CA ARG A 113 4.04 -3.62 -8.94
C ARG A 113 4.85 -4.22 -10.08
N LYS A 114 4.34 -5.30 -10.67
CA LYS A 114 5.02 -5.95 -11.79
C LYS A 114 5.07 -5.03 -13.00
N ILE A 115 4.00 -4.28 -13.22
CA ILE A 115 3.90 -3.39 -14.37
C ILE A 115 4.97 -2.29 -14.31
N MET A 116 5.33 -1.89 -13.10
CA MET A 116 6.25 -0.78 -12.92
C MET A 116 7.66 -1.24 -12.53
N SER A 117 7.73 -2.19 -11.60
CA SER A 117 9.02 -2.64 -11.08
C SER A 117 9.54 -3.83 -11.89
N MET A 118 8.63 -4.70 -12.31
CA MET A 118 8.99 -5.82 -13.18
C MET A 118 8.69 -5.46 -14.62
N LYS A 119 8.79 -4.16 -14.91
CA LYS A 119 8.41 -3.60 -16.19
C LYS A 119 9.19 -4.27 -17.33
N SER A 1 -3.74 5.47 -22.49
CA SER A 1 -2.88 5.07 -23.62
C SER A 1 -3.68 4.22 -24.60
N ALA A 2 -4.33 3.21 -24.08
CA ALA A 2 -5.22 2.37 -24.89
C ALA A 2 -6.39 1.90 -24.05
N LYS A 3 -6.10 0.99 -23.12
CA LYS A 3 -7.10 0.49 -22.18
C LYS A 3 -6.42 -0.33 -21.10
N ASP A 4 -5.15 -0.03 -20.83
CA ASP A 4 -4.35 -0.87 -19.94
C ASP A 4 -3.02 -0.24 -19.54
N ILE A 5 -2.42 0.54 -20.44
CA ILE A 5 -0.98 0.80 -20.33
C ILE A 5 -0.63 1.93 -19.36
N LYS A 6 -0.70 3.19 -19.80
CA LYS A 6 -0.15 4.30 -19.01
C LYS A 6 -1.00 4.66 -17.80
N ASP A 7 -2.16 5.27 -18.06
CA ASP A 7 -3.04 5.76 -17.01
C ASP A 7 -3.96 4.67 -16.52
N GLU A 8 -4.37 3.85 -17.46
CA GLU A 8 -5.42 2.86 -17.24
C GLU A 8 -5.07 1.92 -16.09
N LYS A 9 -3.81 1.49 -16.02
CA LYS A 9 -3.37 0.61 -14.94
C LYS A 9 -3.48 1.32 -13.60
N ILE A 10 -3.05 2.57 -13.57
CA ILE A 10 -3.01 3.34 -12.34
C ILE A 10 -4.43 3.63 -11.86
N GLN A 11 -5.31 4.01 -12.77
CA GLN A 11 -6.69 4.29 -12.42
C GLN A 11 -7.39 3.07 -11.85
N GLN A 12 -7.30 1.96 -12.57
CA GLN A 12 -7.95 0.72 -12.16
C GLN A 12 -7.45 0.26 -10.81
N TYR A 13 -6.13 0.10 -10.71
CA TYR A 13 -5.52 -0.36 -9.48
C TYR A 13 -5.80 0.61 -8.33
N ARG A 14 -5.60 1.91 -8.55
CA ARG A 14 -5.83 2.90 -7.49
C ARG A 14 -7.25 2.80 -6.95
N LYS A 15 -8.18 2.51 -7.84
CA LYS A 15 -9.59 2.39 -7.49
C LYS A 15 -9.80 1.28 -6.46
N THR A 16 -9.19 0.13 -6.70
CA THR A 16 -9.35 -1.03 -5.83
C THR A 16 -8.33 -1.01 -4.69
N LEU A 17 -7.27 -0.25 -4.87
CA LEU A 17 -6.15 -0.18 -3.93
C LEU A 17 -6.51 0.63 -2.69
N THR A 18 -7.46 1.55 -2.84
CA THR A 18 -7.84 2.43 -1.73
C THR A 18 -8.59 1.65 -0.66
N LYS A 19 -7.93 1.44 0.47
CA LYS A 19 -8.49 0.64 1.56
C LYS A 19 -8.19 1.29 2.91
N ILE A 20 -9.12 1.14 3.85
CA ILE A 20 -8.87 1.56 5.24
C ILE A 20 -8.20 0.42 5.99
N VAL A 21 -6.93 0.61 6.32
CA VAL A 21 -6.14 -0.45 6.94
C VAL A 21 -5.37 0.09 8.13
N LYS A 22 -4.75 -0.80 8.89
CA LYS A 22 -3.94 -0.39 10.01
C LYS A 22 -2.48 -0.48 9.65
N ILE A 23 -1.82 0.67 9.63
CA ILE A 23 -0.41 0.74 9.29
C ILE A 23 0.42 0.61 10.55
N LYS A 24 1.52 -0.10 10.44
CA LYS A 24 2.36 -0.39 11.57
C LYS A 24 3.83 -0.22 11.19
N THR A 25 4.44 0.84 11.71
CA THR A 25 5.81 1.18 11.37
C THR A 25 6.65 1.36 12.63
N ALA A 26 7.86 1.87 12.47
CA ALA A 26 8.68 2.22 13.63
C ALA A 26 8.27 3.57 14.18
N ILE A 27 7.69 4.38 13.31
CA ILE A 27 7.31 5.74 13.67
C ILE A 27 5.98 5.74 14.44
N PHE A 28 4.98 5.10 13.86
CA PHE A 28 3.66 5.00 14.48
C PHE A 28 2.81 3.93 13.84
N HIS A 29 1.97 3.29 14.65
CA HIS A 29 0.98 2.36 14.14
C HIS A 29 -0.35 3.09 14.06
N GLU A 30 -0.83 3.36 12.85
CA GLU A 30 -2.00 4.21 12.64
C GLU A 30 -2.91 3.65 11.56
N THR A 31 -4.21 3.69 11.81
CA THR A 31 -5.19 3.34 10.78
C THR A 31 -5.11 4.37 9.65
N VAL A 32 -5.06 3.90 8.41
CA VAL A 32 -4.83 4.78 7.29
C VAL A 32 -5.61 4.34 6.06
N LYS A 33 -5.88 5.27 5.16
CA LYS A 33 -6.46 4.94 3.87
C LYS A 33 -5.34 4.86 2.86
N VAL A 34 -5.07 3.66 2.38
CA VAL A 34 -3.98 3.44 1.47
C VAL A 34 -4.47 3.50 0.03
N THR A 35 -3.83 4.32 -0.79
CA THR A 35 -4.17 4.42 -2.19
C THR A 35 -2.90 4.52 -3.04
N CYS A 36 -3.06 4.52 -4.34
CA CYS A 36 -1.93 4.64 -5.24
C CYS A 36 -1.83 6.06 -5.76
N SER A 37 -0.63 6.47 -6.13
CA SER A 37 -0.39 7.83 -6.58
C SER A 37 -0.94 8.04 -7.99
N LYS A 38 -1.02 9.29 -8.43
CA LYS A 38 -1.42 9.61 -9.79
C LYS A 38 -0.43 9.01 -10.76
N ASP A 39 0.85 9.09 -10.40
CA ASP A 39 1.93 8.56 -11.23
C ASP A 39 2.00 7.05 -11.09
N GLY A 40 1.31 6.52 -10.09
CA GLY A 40 1.29 5.08 -9.87
C GLY A 40 2.56 4.56 -9.23
N LYS A 41 3.62 5.35 -9.34
CA LYS A 41 4.96 4.95 -8.92
C LYS A 41 5.07 4.77 -7.41
N MET A 42 4.20 5.43 -6.67
CA MET A 42 4.28 5.36 -5.22
C MET A 42 2.92 5.07 -4.61
N LEU A 43 2.93 4.55 -3.41
CA LEU A 43 1.73 4.22 -2.69
C LEU A 43 1.47 5.29 -1.65
N GLU A 44 0.51 6.16 -1.91
CA GLU A 44 0.24 7.28 -1.03
C GLU A 44 -0.90 6.94 -0.09
N TRP A 45 -0.73 7.27 1.17
CA TRP A 45 -1.75 6.99 2.15
C TRP A 45 -2.07 8.22 2.99
N TYR A 46 -3.34 8.40 3.26
CA TYR A 46 -3.80 9.52 4.07
C TYR A 46 -4.48 8.98 5.31
N LYS A 47 -4.23 9.65 6.44
CA LYS A 47 -4.86 9.34 7.72
C LYS A 47 -6.28 8.81 7.53
N GLY A 48 -6.45 7.53 7.83
CA GLY A 48 -7.72 6.86 7.60
C GLY A 48 -8.52 6.77 8.87
N LYS A 49 -7.99 7.36 9.91
CA LYS A 49 -8.66 7.40 11.20
C LYS A 49 -9.68 8.53 11.19
N ASN A 50 -10.76 8.35 11.91
CA ASN A 50 -11.74 9.41 12.12
C ASN A 50 -11.32 10.21 13.36
N ASP A 51 -10.01 10.29 13.56
CA ASP A 51 -9.44 10.91 14.74
C ASP A 51 -8.38 11.93 14.34
N SER A 52 -7.45 12.21 15.24
CA SER A 52 -6.42 13.21 15.01
C SER A 52 -5.39 12.75 13.96
N ASP A 53 -4.87 13.71 13.20
CA ASP A 53 -3.81 13.49 12.26
C ASP A 53 -2.72 14.53 12.48
N GLY A 54 -1.65 14.11 13.15
CA GLY A 54 -0.60 15.02 13.55
C GLY A 54 0.06 15.72 12.37
N LYS A 55 0.14 15.05 11.24
CA LYS A 55 0.75 15.63 10.05
C LYS A 55 -0.23 16.57 9.37
N LYS A 56 -1.52 16.25 9.49
CA LYS A 56 -2.57 16.83 8.65
C LYS A 56 -2.29 16.51 7.17
N LYS A 57 -1.39 15.56 6.96
CA LYS A 57 -0.91 15.21 5.64
C LYS A 57 -0.68 13.71 5.56
N PRO A 58 -0.24 13.15 4.41
CA PRO A 58 0.18 11.76 4.33
C PRO A 58 1.16 11.40 5.44
N ILE A 59 1.02 10.21 5.99
CA ILE A 59 1.83 9.77 7.13
C ILE A 59 3.24 9.35 6.70
N GLY A 60 3.58 9.59 5.44
CA GLY A 60 4.88 9.22 4.93
C GLY A 60 4.83 8.00 4.03
N SER A 61 4.23 8.20 2.86
CA SER A 61 4.08 7.17 1.84
C SER A 61 5.45 6.67 1.33
N PHE A 62 5.43 5.62 0.52
CA PHE A 62 6.65 5.06 -0.04
C PHE A 62 6.44 4.67 -1.51
N PRO A 63 7.51 4.65 -2.32
CA PRO A 63 7.42 4.27 -3.73
C PRO A 63 7.35 2.76 -3.92
N LEU A 64 6.42 2.33 -4.76
CA LEU A 64 6.14 0.91 -4.96
C LEU A 64 7.29 0.18 -5.64
N ASN A 65 8.15 0.93 -6.32
CA ASN A 65 9.31 0.34 -6.99
C ASN A 65 10.41 0.01 -5.98
N LYS A 66 10.21 0.40 -4.72
CA LYS A 66 11.19 0.13 -3.68
C LYS A 66 10.92 -1.21 -2.99
N ILE A 67 9.72 -1.75 -3.18
CA ILE A 67 9.31 -2.98 -2.52
C ILE A 67 10.29 -4.11 -2.83
N THR A 68 10.62 -4.90 -1.82
CA THR A 68 11.50 -6.04 -2.00
C THR A 68 10.71 -7.34 -1.91
N SER A 69 9.67 -7.35 -1.07
CA SER A 69 8.85 -8.54 -0.90
C SER A 69 7.49 -8.20 -0.29
N ILE A 70 6.42 -8.40 -1.06
CA ILE A 70 5.06 -8.29 -0.55
C ILE A 70 4.50 -9.68 -0.27
N ARG A 71 4.32 -10.00 1.00
CA ARG A 71 3.81 -11.31 1.40
C ARG A 71 2.85 -11.18 2.56
N THR A 72 2.09 -12.23 2.80
CA THR A 72 1.09 -12.24 3.85
C THR A 72 1.71 -12.64 5.18
N LYS A 73 1.25 -12.01 6.25
CA LYS A 73 1.70 -12.38 7.56
C LYS A 73 1.28 -13.81 7.88
N VAL A 74 2.25 -14.59 8.30
CA VAL A 74 2.08 -16.03 8.45
C VAL A 74 1.23 -16.39 9.67
N ASP A 75 1.30 -15.56 10.71
CA ASP A 75 0.57 -15.85 11.94
C ASP A 75 -0.74 -15.06 11.98
N ASN A 76 -0.80 -14.01 11.19
CA ASN A 76 -1.99 -13.18 11.09
C ASN A 76 -2.30 -12.94 9.63
N LEU A 77 -3.13 -13.81 9.06
CA LEU A 77 -3.44 -13.77 7.64
C LEU A 77 -4.26 -12.53 7.27
N LYS A 78 -4.76 -11.83 8.28
CA LYS A 78 -5.48 -10.58 8.05
C LYS A 78 -4.50 -9.44 7.87
N SER A 79 -3.25 -9.74 8.19
CA SER A 79 -2.19 -8.76 8.08
C SER A 79 -1.27 -9.13 6.90
N LEU A 80 -0.57 -8.15 6.40
CA LEU A 80 0.28 -8.30 5.25
C LEU A 80 1.61 -7.60 5.50
N GLU A 81 2.69 -8.35 5.49
CA GLU A 81 4.00 -7.79 5.79
C GLU A 81 4.73 -7.49 4.50
N ILE A 82 4.96 -6.21 4.25
CA ILE A 82 5.62 -5.80 3.02
C ILE A 82 7.00 -5.24 3.31
N SER A 83 7.99 -5.96 2.85
CA SER A 83 9.36 -5.54 2.98
C SER A 83 9.73 -4.70 1.78
N VAL A 84 10.30 -3.53 2.04
CA VAL A 84 10.61 -2.59 0.98
C VAL A 84 11.97 -1.95 1.26
N SER A 85 12.64 -1.50 0.20
CA SER A 85 13.92 -0.81 0.36
C SER A 85 13.65 0.52 1.02
N SER A 86 13.96 0.57 2.30
CA SER A 86 13.45 1.58 3.19
C SER A 86 14.56 2.34 3.90
N VAL A 87 14.23 3.55 4.31
CA VAL A 87 15.11 4.38 5.10
C VAL A 87 14.62 4.30 6.53
N HIS A 88 15.17 5.09 7.46
CA HIS A 88 14.82 4.98 8.89
C HIS A 88 13.32 4.72 9.11
N ILE A 89 12.98 3.45 9.26
CA ILE A 89 11.61 2.98 9.45
C ILE A 89 11.60 1.46 9.39
N SER A 90 10.61 0.85 10.02
CA SER A 90 10.49 -0.59 10.01
C SER A 90 9.70 -1.06 8.78
N THR A 91 9.62 -2.38 8.62
CA THR A 91 8.89 -2.98 7.53
C THR A 91 7.42 -2.58 7.61
N TYR A 92 6.79 -2.39 6.46
CA TYR A 92 5.45 -1.86 6.40
C TYR A 92 4.42 -2.97 6.51
N LEU A 93 3.60 -2.90 7.54
CA LEU A 93 2.57 -3.88 7.77
C LEU A 93 1.21 -3.34 7.40
N PHE A 94 0.64 -3.95 6.36
CA PHE A 94 -0.68 -3.61 5.86
C PHE A 94 -1.66 -4.56 6.54
N THR A 95 -2.51 -4.01 7.39
CA THR A 95 -3.36 -4.86 8.19
C THR A 95 -4.84 -4.55 7.99
N PHE A 96 -5.59 -5.58 7.64
CA PHE A 96 -7.02 -5.48 7.50
C PHE A 96 -7.72 -6.28 8.58
N LYS A 97 -9.04 -6.28 8.55
CA LYS A 97 -9.80 -7.03 9.51
C LYS A 97 -10.07 -8.45 9.03
N THR A 98 -9.93 -8.68 7.71
CA THR A 98 -10.14 -9.99 7.14
C THR A 98 -9.03 -10.35 6.17
N ARG A 99 -8.75 -11.64 6.02
CA ARG A 99 -7.78 -12.10 5.04
C ARG A 99 -8.24 -11.73 3.64
N GLU A 100 -9.53 -11.88 3.40
CA GLU A 100 -10.12 -11.64 2.08
C GLU A 100 -9.82 -10.22 1.59
N GLU A 101 -9.93 -9.26 2.49
CA GLU A 101 -9.69 -7.86 2.14
C GLU A 101 -8.24 -7.64 1.71
N ARG A 102 -7.30 -8.14 2.52
CA ARG A 102 -5.89 -7.97 2.24
C ARG A 102 -5.47 -8.84 1.05
N GLU A 103 -6.17 -9.95 0.88
CA GLU A 103 -5.91 -10.90 -0.19
C GLU A 103 -6.03 -10.21 -1.53
N SER A 104 -7.17 -9.56 -1.76
CA SER A 104 -7.41 -8.86 -3.02
C SER A 104 -6.38 -7.76 -3.21
N TRP A 105 -6.10 -7.02 -2.14
CA TRP A 105 -5.16 -5.91 -2.20
C TRP A 105 -3.80 -6.36 -2.69
N GLN A 106 -3.22 -7.38 -2.03
CA GLN A 106 -1.93 -7.92 -2.43
C GLN A 106 -1.94 -8.40 -3.87
N ASN A 107 -3.01 -9.08 -4.29
CA ASN A 107 -3.13 -9.56 -5.67
C ASN A 107 -3.01 -8.39 -6.64
N ASN A 108 -3.73 -7.32 -6.35
CA ASN A 108 -3.75 -6.13 -7.18
C ASN A 108 -2.39 -5.42 -7.15
N LEU A 109 -1.94 -5.10 -5.94
CA LEU A 109 -0.75 -4.28 -5.78
C LEU A 109 0.48 -4.99 -6.33
N GLU A 110 0.58 -6.29 -6.11
CA GLU A 110 1.73 -7.05 -6.60
C GLU A 110 1.80 -6.98 -8.11
N SER A 111 0.65 -7.18 -8.77
CA SER A 111 0.58 -7.13 -10.22
C SER A 111 0.85 -5.72 -10.73
N PHE A 112 0.39 -4.73 -9.99
CA PHE A 112 0.66 -3.33 -10.32
C PHE A 112 2.14 -3.04 -10.16
N ARG A 113 2.71 -3.54 -9.08
CA ARG A 113 4.14 -3.44 -8.82
C ARG A 113 4.94 -4.16 -9.91
N LYS A 114 4.41 -5.29 -10.38
CA LYS A 114 5.06 -6.03 -11.45
C LYS A 114 5.13 -5.22 -12.74
N ILE A 115 4.14 -4.36 -12.96
CA ILE A 115 4.17 -3.49 -14.13
C ILE A 115 5.32 -2.49 -14.04
N MET A 116 5.74 -2.17 -12.83
CA MET A 116 6.75 -1.14 -12.62
C MET A 116 8.13 -1.75 -12.36
N SER A 117 8.17 -2.80 -11.55
CA SER A 117 9.44 -3.43 -11.19
C SER A 117 9.75 -4.58 -12.13
N MET A 118 8.72 -5.30 -12.55
CA MET A 118 8.90 -6.45 -13.43
C MET A 118 8.41 -6.10 -14.83
N LYS A 119 8.59 -4.83 -15.18
CA LYS A 119 8.09 -4.29 -16.44
C LYS A 119 8.76 -4.96 -17.63
N SER A 1 -3.75 3.80 -22.37
CA SER A 1 -3.02 3.60 -23.64
C SER A 1 -3.86 2.77 -24.61
N ALA A 2 -4.46 1.70 -24.10
CA ALA A 2 -5.24 0.80 -24.93
C ALA A 2 -6.29 0.09 -24.10
N LYS A 3 -5.87 -0.54 -23.01
CA LYS A 3 -6.81 -1.17 -22.09
C LYS A 3 -6.32 -1.09 -20.63
N ASP A 4 -5.00 -1.04 -20.41
CA ASP A 4 -4.45 -1.10 -19.07
C ASP A 4 -3.02 -0.58 -18.97
N ILE A 5 -2.42 -0.14 -20.07
CA ILE A 5 -0.95 -0.09 -20.14
C ILE A 5 -0.34 1.02 -19.27
N LYS A 6 -0.26 2.25 -19.76
CA LYS A 6 0.37 3.32 -18.99
C LYS A 6 -0.52 3.87 -17.89
N ASP A 7 -1.58 4.55 -18.30
CA ASP A 7 -2.47 5.26 -17.40
C ASP A 7 -3.53 4.36 -16.80
N GLU A 8 -3.97 3.41 -17.60
CA GLU A 8 -5.14 2.60 -17.29
C GLU A 8 -4.92 1.68 -16.09
N LYS A 9 -3.69 1.22 -15.92
CA LYS A 9 -3.35 0.40 -14.76
C LYS A 9 -3.48 1.21 -13.48
N ILE A 10 -2.95 2.42 -13.49
CA ILE A 10 -2.91 3.27 -12.32
C ILE A 10 -4.32 3.59 -11.85
N GLN A 11 -5.18 3.98 -12.80
CA GLN A 11 -6.53 4.39 -12.49
C GLN A 11 -7.35 3.25 -11.90
N GLN A 12 -7.33 2.11 -12.57
CA GLN A 12 -8.11 0.95 -12.14
C GLN A 12 -7.61 0.43 -10.80
N TYR A 13 -6.31 0.22 -10.71
CA TYR A 13 -5.70 -0.31 -9.50
C TYR A 13 -5.89 0.66 -8.33
N ARG A 14 -5.62 1.95 -8.54
CA ARG A 14 -5.76 2.94 -7.48
C ARG A 14 -7.16 2.89 -6.86
N LYS A 15 -8.14 2.69 -7.72
CA LYS A 15 -9.54 2.58 -7.31
C LYS A 15 -9.72 1.48 -6.28
N THR A 16 -9.19 0.30 -6.57
CA THR A 16 -9.36 -0.85 -5.70
C THR A 16 -8.30 -0.90 -4.60
N LEU A 17 -7.22 -0.16 -4.82
CA LEU A 17 -6.08 -0.13 -3.90
C LEU A 17 -6.42 0.68 -2.67
N THR A 18 -7.38 1.59 -2.78
CA THR A 18 -7.78 2.43 -1.67
C THR A 18 -8.53 1.62 -0.61
N LYS A 19 -7.88 1.39 0.51
CA LYS A 19 -8.44 0.59 1.59
C LYS A 19 -8.15 1.22 2.95
N ILE A 20 -9.08 1.06 3.89
CA ILE A 20 -8.85 1.49 5.26
C ILE A 20 -8.17 0.37 6.03
N VAL A 21 -6.91 0.57 6.37
CA VAL A 21 -6.12 -0.47 7.01
C VAL A 21 -5.36 0.06 8.20
N LYS A 22 -4.75 -0.84 8.95
CA LYS A 22 -3.94 -0.45 10.09
C LYS A 22 -2.46 -0.55 9.73
N ILE A 23 -1.80 0.59 9.72
CA ILE A 23 -0.39 0.64 9.41
C ILE A 23 0.46 0.52 10.66
N LYS A 24 1.57 -0.18 10.54
CA LYS A 24 2.46 -0.40 11.65
C LYS A 24 3.89 -0.05 11.25
N THR A 25 4.40 1.05 11.78
CA THR A 25 5.74 1.50 11.47
C THR A 25 6.52 1.83 12.75
N ALA A 26 7.74 2.31 12.60
CA ALA A 26 8.50 2.77 13.76
C ALA A 26 8.07 4.18 14.14
N ILE A 27 7.49 4.88 13.17
CA ILE A 27 7.02 6.24 13.38
C ILE A 27 5.77 6.21 14.26
N PHE A 28 4.78 5.46 13.79
CA PHE A 28 3.52 5.30 14.50
C PHE A 28 2.69 4.19 13.87
N HIS A 29 1.93 3.49 14.69
CA HIS A 29 1.01 2.48 14.20
C HIS A 29 -0.39 3.08 14.15
N GLU A 30 -0.87 3.35 12.96
CA GLU A 30 -2.07 4.15 12.78
C GLU A 30 -2.97 3.58 11.70
N THR A 31 -4.28 3.71 11.91
CA THR A 31 -5.24 3.35 10.87
C THR A 31 -5.18 4.38 9.75
N VAL A 32 -5.09 3.91 8.52
CA VAL A 32 -4.86 4.79 7.40
C VAL A 32 -5.65 4.32 6.18
N LYS A 33 -5.90 5.23 5.25
CA LYS A 33 -6.47 4.86 3.97
C LYS A 33 -5.35 4.77 2.96
N VAL A 34 -5.04 3.57 2.53
CA VAL A 34 -3.94 3.34 1.62
C VAL A 34 -4.43 3.36 0.18
N THR A 35 -3.77 4.13 -0.65
CA THR A 35 -4.12 4.21 -2.06
C THR A 35 -2.85 4.27 -2.89
N CYS A 36 -2.99 4.26 -4.20
CA CYS A 36 -1.86 4.40 -5.08
C CYS A 36 -1.78 5.83 -5.57
N SER A 37 -0.59 6.26 -5.92
CA SER A 37 -0.35 7.63 -6.31
C SER A 37 -0.92 7.90 -7.69
N LYS A 38 -1.15 9.17 -7.98
CA LYS A 38 -1.59 9.59 -9.30
C LYS A 38 -0.54 9.26 -10.34
N ASP A 39 0.72 9.33 -9.94
CA ASP A 39 1.82 9.00 -10.82
C ASP A 39 1.95 7.48 -10.97
N GLY A 40 1.50 6.77 -9.94
CA GLY A 40 1.44 5.32 -10.00
C GLY A 40 2.74 4.64 -9.56
N LYS A 41 3.77 5.43 -9.33
CA LYS A 41 5.08 4.87 -8.99
C LYS A 41 5.24 4.70 -7.48
N MET A 42 4.31 5.24 -6.72
CA MET A 42 4.42 5.18 -5.27
C MET A 42 3.06 4.89 -4.64
N LEU A 43 3.10 4.37 -3.44
CA LEU A 43 1.90 4.04 -2.71
C LEU A 43 1.66 5.10 -1.65
N GLU A 44 0.70 5.97 -1.89
CA GLU A 44 0.44 7.07 -0.99
C GLU A 44 -0.76 6.77 -0.11
N TRP A 45 -0.60 7.04 1.17
CA TRP A 45 -1.65 6.74 2.12
C TRP A 45 -2.03 7.98 2.91
N TYR A 46 -3.32 8.15 3.12
CA TYR A 46 -3.82 9.31 3.82
C TYR A 46 -4.52 8.87 5.09
N LYS A 47 -4.24 9.59 6.17
CA LYS A 47 -4.88 9.39 7.48
C LYS A 47 -6.31 8.86 7.35
N GLY A 48 -6.54 7.64 7.84
CA GLY A 48 -7.82 6.99 7.65
C GLY A 48 -8.51 6.66 8.96
N LYS A 49 -7.99 7.22 10.04
CA LYS A 49 -8.58 7.04 11.35
C LYS A 49 -9.91 7.78 11.43
N ASN A 50 -9.84 9.10 11.50
CA ASN A 50 -11.03 9.96 11.48
C ASN A 50 -10.60 11.42 11.59
N ASP A 51 -10.09 11.79 12.76
CA ASP A 51 -9.57 13.13 12.98
C ASP A 51 -8.29 13.04 13.79
N SER A 52 -7.23 12.66 13.11
CA SER A 52 -5.93 12.46 13.72
C SER A 52 -4.85 12.49 12.64
N ASP A 53 -4.38 13.69 12.34
CA ASP A 53 -3.31 13.87 11.38
C ASP A 53 -2.57 15.16 11.69
N GLY A 54 -1.45 15.03 12.37
CA GLY A 54 -0.68 16.19 12.79
C GLY A 54 -0.10 16.94 11.62
N LYS A 55 0.20 16.21 10.56
CA LYS A 55 0.75 16.82 9.36
C LYS A 55 -0.38 17.31 8.45
N LYS A 56 -1.59 16.78 8.69
CA LYS A 56 -2.75 17.05 7.84
C LYS A 56 -2.52 16.57 6.41
N LYS A 57 -1.54 15.67 6.28
CA LYS A 57 -1.09 15.19 4.98
C LYS A 57 -0.80 13.70 5.08
N PRO A 58 -0.38 13.03 3.99
CA PRO A 58 0.07 11.64 4.06
C PRO A 58 1.07 11.41 5.19
N ILE A 59 0.97 10.26 5.82
CA ILE A 59 1.79 9.90 6.97
C ILE A 59 3.22 9.52 6.56
N GLY A 60 3.57 9.74 5.29
CA GLY A 60 4.90 9.39 4.81
C GLY A 60 4.90 8.13 3.97
N SER A 61 4.35 8.26 2.77
CA SER A 61 4.22 7.16 1.82
C SER A 61 5.59 6.70 1.28
N PHE A 62 5.60 5.61 0.54
CA PHE A 62 6.82 5.07 -0.04
C PHE A 62 6.59 4.69 -1.51
N PRO A 63 7.65 4.69 -2.34
CA PRO A 63 7.54 4.33 -3.74
C PRO A 63 7.52 2.80 -3.96
N LEU A 64 6.57 2.35 -4.78
CA LEU A 64 6.31 0.92 -4.99
C LEU A 64 7.50 0.21 -5.62
N ASN A 65 8.35 0.96 -6.28
CA ASN A 65 9.54 0.41 -6.92
C ASN A 65 10.56 -0.09 -5.88
N LYS A 66 10.45 0.40 -4.66
CA LYS A 66 11.42 0.08 -3.62
C LYS A 66 11.10 -1.24 -2.94
N ILE A 67 9.90 -1.76 -3.17
CA ILE A 67 9.45 -3.00 -2.52
C ILE A 67 10.38 -4.15 -2.85
N THR A 68 10.73 -4.93 -1.83
CA THR A 68 11.57 -6.09 -2.02
C THR A 68 10.72 -7.36 -2.02
N SER A 69 9.61 -7.33 -1.27
CA SER A 69 8.69 -8.45 -1.23
C SER A 69 7.38 -8.07 -0.54
N ILE A 70 6.26 -8.31 -1.22
CA ILE A 70 4.94 -8.12 -0.62
C ILE A 70 4.39 -9.45 -0.14
N ARG A 71 4.31 -9.63 1.17
CA ARG A 71 3.89 -10.91 1.73
C ARG A 71 2.76 -10.74 2.71
N THR A 72 2.02 -11.80 2.87
CA THR A 72 1.01 -11.90 3.90
C THR A 72 1.70 -12.25 5.20
N LYS A 73 1.23 -11.68 6.31
CA LYS A 73 1.84 -12.01 7.59
C LYS A 73 1.66 -13.48 7.87
N VAL A 74 2.78 -14.17 7.92
CA VAL A 74 2.84 -15.59 8.02
C VAL A 74 2.17 -16.11 9.30
N ASP A 75 2.04 -15.23 10.29
CA ASP A 75 1.46 -15.61 11.57
C ASP A 75 0.04 -15.05 11.71
N ASN A 76 -0.39 -14.28 10.72
CA ASN A 76 -1.71 -13.67 10.73
C ASN A 76 -2.13 -13.32 9.31
N LEU A 77 -2.98 -14.15 8.73
CA LEU A 77 -3.33 -14.01 7.33
C LEU A 77 -4.22 -12.80 7.08
N LYS A 78 -4.72 -12.19 8.15
CA LYS A 78 -5.53 -10.99 8.01
C LYS A 78 -4.63 -9.78 7.81
N SER A 79 -3.35 -9.96 8.12
CA SER A 79 -2.37 -8.90 8.01
C SER A 79 -1.40 -9.19 6.86
N LEU A 80 -0.64 -8.20 6.48
CA LEU A 80 0.23 -8.29 5.32
C LEU A 80 1.53 -7.54 5.58
N GLU A 81 2.64 -8.25 5.63
CA GLU A 81 3.93 -7.63 5.87
C GLU A 81 4.64 -7.37 4.54
N ILE A 82 4.89 -6.12 4.26
CA ILE A 82 5.55 -5.74 3.03
C ILE A 82 6.94 -5.21 3.30
N SER A 83 7.93 -5.93 2.83
CA SER A 83 9.30 -5.53 2.99
C SER A 83 9.71 -4.69 1.80
N VAL A 84 10.21 -3.51 2.07
CA VAL A 84 10.61 -2.59 1.03
C VAL A 84 11.98 -2.01 1.36
N SER A 85 12.73 -1.61 0.34
CA SER A 85 14.00 -0.96 0.56
C SER A 85 13.72 0.40 1.17
N SER A 86 13.96 0.48 2.46
CA SER A 86 13.42 1.55 3.26
C SER A 86 14.51 2.38 3.93
N VAL A 87 14.15 3.61 4.24
CA VAL A 87 15.02 4.54 4.95
C VAL A 87 14.55 4.56 6.39
N HIS A 88 15.08 5.47 7.22
CA HIS A 88 14.71 5.55 8.64
C HIS A 88 13.20 5.31 8.86
N ILE A 89 12.86 4.07 9.20
CA ILE A 89 11.48 3.62 9.35
C ILE A 89 11.49 2.10 9.57
N SER A 90 10.33 1.51 9.75
CA SER A 90 10.22 0.07 9.93
C SER A 90 9.55 -0.55 8.70
N THR A 91 9.48 -1.88 8.68
CA THR A 91 8.82 -2.59 7.62
C THR A 91 7.34 -2.21 7.59
N TYR A 92 6.76 -2.14 6.40
CA TYR A 92 5.39 -1.67 6.27
C TYR A 92 4.42 -2.82 6.41
N LEU A 93 3.54 -2.71 7.40
CA LEU A 93 2.54 -3.72 7.65
C LEU A 93 1.16 -3.21 7.25
N PHE A 94 0.60 -3.85 6.25
CA PHE A 94 -0.75 -3.58 5.80
C PHE A 94 -1.69 -4.55 6.50
N THR A 95 -2.51 -4.04 7.40
CA THR A 95 -3.32 -4.93 8.21
C THR A 95 -4.81 -4.67 8.03
N PHE A 96 -5.54 -5.73 7.71
CA PHE A 96 -6.98 -5.66 7.60
C PHE A 96 -7.62 -6.53 8.67
N LYS A 97 -8.93 -6.58 8.70
CA LYS A 97 -9.64 -7.44 9.63
C LYS A 97 -9.72 -8.86 9.09
N THR A 98 -9.75 -8.97 7.77
CA THR A 98 -9.94 -10.26 7.12
C THR A 98 -8.83 -10.53 6.11
N ARG A 99 -8.64 -11.80 5.78
CA ARG A 99 -7.66 -12.19 4.78
C ARG A 99 -8.16 -11.80 3.40
N GLU A 100 -9.47 -11.91 3.20
CA GLU A 100 -10.08 -11.64 1.90
C GLU A 100 -9.79 -10.21 1.45
N GLU A 101 -9.97 -9.27 2.39
CA GLU A 101 -9.72 -7.86 2.10
C GLU A 101 -8.28 -7.63 1.67
N ARG A 102 -7.34 -8.18 2.44
CA ARG A 102 -5.93 -7.97 2.15
C ARG A 102 -5.49 -8.79 0.94
N GLU A 103 -6.16 -9.92 0.73
CA GLU A 103 -5.86 -10.81 -0.40
C GLU A 103 -6.03 -10.07 -1.71
N SER A 104 -7.20 -9.47 -1.90
CA SER A 104 -7.49 -8.71 -3.10
C SER A 104 -6.45 -7.61 -3.28
N TRP A 105 -6.18 -6.87 -2.20
CA TRP A 105 -5.24 -5.76 -2.25
C TRP A 105 -3.85 -6.24 -2.70
N GLN A 106 -3.32 -7.25 -2.01
CA GLN A 106 -2.04 -7.84 -2.38
C GLN A 106 -2.01 -8.29 -3.83
N ASN A 107 -3.05 -9.00 -4.26
CA ASN A 107 -3.12 -9.50 -5.63
C ASN A 107 -3.09 -8.33 -6.62
N ASN A 108 -3.88 -7.30 -6.32
CA ASN A 108 -3.94 -6.10 -7.15
C ASN A 108 -2.58 -5.40 -7.16
N LEU A 109 -2.07 -5.08 -5.98
CA LEU A 109 -0.84 -4.30 -5.85
C LEU A 109 0.34 -5.07 -6.42
N GLU A 110 0.40 -6.37 -6.16
CA GLU A 110 1.50 -7.18 -6.67
C GLU A 110 1.51 -7.15 -8.19
N SER A 111 0.34 -7.24 -8.79
CA SER A 111 0.22 -7.19 -10.25
C SER A 111 0.60 -5.82 -10.79
N PHE A 112 0.16 -4.78 -10.11
CA PHE A 112 0.54 -3.42 -10.46
C PHE A 112 2.06 -3.26 -10.31
N ARG A 113 2.60 -3.92 -9.29
CA ARG A 113 4.03 -3.97 -9.06
C ARG A 113 4.73 -4.77 -10.15
N LYS A 114 4.07 -5.82 -10.66
CA LYS A 114 4.64 -6.63 -11.73
C LYS A 114 4.86 -5.78 -12.98
N ILE A 115 4.02 -4.79 -13.18
CA ILE A 115 4.15 -3.90 -14.32
C ILE A 115 5.39 -3.03 -14.19
N MET A 116 5.79 -2.72 -12.97
CA MET A 116 6.88 -1.80 -12.73
C MET A 116 8.18 -2.55 -12.37
N SER A 117 8.07 -3.53 -11.50
CA SER A 117 9.23 -4.27 -11.02
C SER A 117 9.51 -5.48 -11.89
N MET A 118 8.45 -6.14 -12.35
CA MET A 118 8.58 -7.27 -13.25
C MET A 118 8.32 -6.79 -14.68
N LYS A 119 8.69 -5.54 -14.93
CA LYS A 119 8.44 -4.89 -16.20
C LYS A 119 9.16 -5.60 -17.33
N SER A 1 -2.72 6.76 -22.09
CA SER A 1 -1.58 6.59 -23.00
C SER A 1 -2.05 5.90 -24.29
N ALA A 2 -2.41 4.63 -24.17
CA ALA A 2 -3.00 3.90 -25.28
C ALA A 2 -4.43 3.53 -24.93
N LYS A 3 -4.57 2.68 -23.92
CA LYS A 3 -5.90 2.28 -23.45
C LYS A 3 -5.81 1.60 -22.09
N ASP A 4 -4.67 1.74 -21.42
CA ASP A 4 -4.36 0.92 -20.24
C ASP A 4 -3.05 1.33 -19.59
N ILE A 5 -2.00 1.37 -20.39
CA ILE A 5 -0.63 1.27 -19.90
C ILE A 5 -0.28 2.29 -18.80
N LYS A 6 -0.01 3.54 -19.18
CA LYS A 6 0.56 4.49 -18.22
C LYS A 6 -0.45 4.97 -17.17
N ASP A 7 -1.42 5.75 -17.61
CA ASP A 7 -2.33 6.43 -16.68
C ASP A 7 -3.49 5.55 -16.26
N GLU A 8 -4.00 4.76 -17.19
CA GLU A 8 -5.22 3.98 -16.95
C GLU A 8 -5.03 2.88 -15.90
N LYS A 9 -3.94 2.13 -16.01
CA LYS A 9 -3.66 1.06 -15.05
C LYS A 9 -3.45 1.63 -13.65
N ILE A 10 -2.82 2.78 -13.57
CA ILE A 10 -2.64 3.46 -12.30
C ILE A 10 -3.99 3.78 -11.68
N GLN A 11 -4.88 4.38 -12.48
CA GLN A 11 -6.20 4.77 -11.99
C GLN A 11 -7.06 3.56 -11.68
N GLN A 12 -6.98 2.56 -12.54
CA GLN A 12 -7.73 1.31 -12.37
C GLN A 12 -7.40 0.67 -11.04
N TYR A 13 -6.12 0.39 -10.85
CA TYR A 13 -5.66 -0.25 -9.63
C TYR A 13 -5.85 0.66 -8.42
N ARG A 14 -5.59 1.95 -8.59
CA ARG A 14 -5.78 2.94 -7.53
C ARG A 14 -7.18 2.81 -6.91
N LYS A 15 -8.16 2.52 -7.77
CA LYS A 15 -9.54 2.35 -7.37
C LYS A 15 -9.69 1.26 -6.32
N THR A 16 -9.15 0.08 -6.63
CA THR A 16 -9.30 -1.07 -5.76
C THR A 16 -8.25 -1.05 -4.64
N LEU A 17 -7.20 -0.28 -4.86
CA LEU A 17 -6.09 -0.18 -3.92
C LEU A 17 -6.46 0.65 -2.69
N THR A 18 -7.41 1.58 -2.86
CA THR A 18 -7.79 2.46 -1.77
C THR A 18 -8.56 1.70 -0.70
N LYS A 19 -7.91 1.49 0.43
CA LYS A 19 -8.48 0.69 1.52
C LYS A 19 -8.18 1.34 2.88
N ILE A 20 -9.12 1.22 3.81
CA ILE A 20 -8.88 1.64 5.20
C ILE A 20 -8.23 0.51 5.96
N VAL A 21 -6.96 0.67 6.29
CA VAL A 21 -6.18 -0.39 6.92
C VAL A 21 -5.43 0.12 8.12
N LYS A 22 -4.77 -0.78 8.82
CA LYS A 22 -3.99 -0.44 9.99
C LYS A 22 -2.51 -0.54 9.69
N ILE A 23 -1.84 0.59 9.69
CA ILE A 23 -0.43 0.64 9.37
C ILE A 23 0.44 0.50 10.60
N LYS A 24 1.58 -0.13 10.43
CA LYS A 24 2.52 -0.33 11.50
C LYS A 24 3.95 -0.01 11.03
N THR A 25 4.47 1.13 11.48
CA THR A 25 5.81 1.58 11.06
C THR A 25 6.68 1.88 12.27
N ALA A 26 7.85 2.46 12.02
CA ALA A 26 8.73 2.90 13.09
C ALA A 26 8.32 4.28 13.58
N ILE A 27 7.58 4.99 12.73
CA ILE A 27 7.13 6.32 13.06
C ILE A 27 5.91 6.25 13.96
N PHE A 28 4.89 5.54 13.51
CA PHE A 28 3.66 5.36 14.26
C PHE A 28 2.81 4.25 13.66
N HIS A 29 2.09 3.55 14.52
CA HIS A 29 1.15 2.53 14.07
C HIS A 29 -0.24 3.12 14.09
N GLU A 30 -0.82 3.38 12.93
CA GLU A 30 -2.06 4.13 12.82
C GLU A 30 -2.94 3.58 11.71
N THR A 31 -4.25 3.73 11.85
CA THR A 31 -5.21 3.36 10.82
C THR A 31 -5.18 4.40 9.70
N VAL A 32 -5.20 3.97 8.45
CA VAL A 32 -5.03 4.88 7.34
C VAL A 32 -5.76 4.39 6.09
N LYS A 33 -6.04 5.32 5.18
CA LYS A 33 -6.57 4.95 3.88
C LYS A 33 -5.42 4.86 2.89
N VAL A 34 -5.11 3.66 2.46
CA VAL A 34 -4.00 3.44 1.57
C VAL A 34 -4.46 3.45 0.12
N THR A 35 -3.80 4.25 -0.70
CA THR A 35 -4.11 4.29 -2.12
C THR A 35 -2.82 4.38 -2.93
N CYS A 36 -2.95 4.31 -4.24
CA CYS A 36 -1.80 4.43 -5.12
C CYS A 36 -1.74 5.84 -5.69
N SER A 37 -0.52 6.34 -5.86
CA SER A 37 -0.33 7.74 -6.21
C SER A 37 -0.74 8.01 -7.65
N LYS A 38 -0.86 9.28 -8.01
CA LYS A 38 -1.19 9.66 -9.38
C LYS A 38 -0.15 9.11 -10.34
N ASP A 39 1.10 9.10 -9.90
CA ASP A 39 2.20 8.57 -10.69
C ASP A 39 2.24 7.04 -10.62
N GLY A 40 1.51 6.48 -9.67
CA GLY A 40 1.47 5.03 -9.49
C GLY A 40 2.75 4.48 -8.86
N LYS A 41 3.83 5.21 -9.04
CA LYS A 41 5.17 4.74 -8.68
C LYS A 41 5.33 4.65 -7.17
N MET A 42 4.47 5.33 -6.44
CA MET A 42 4.51 5.29 -4.99
C MET A 42 3.13 5.06 -4.42
N LEU A 43 3.10 4.49 -3.23
CA LEU A 43 1.86 4.18 -2.55
C LEU A 43 1.59 5.24 -1.51
N GLU A 44 0.65 6.13 -1.80
CA GLU A 44 0.35 7.22 -0.89
C GLU A 44 -0.87 6.92 -0.06
N TRP A 45 -0.77 7.20 1.22
CA TRP A 45 -1.85 6.93 2.14
C TRP A 45 -2.25 8.19 2.89
N TYR A 46 -3.55 8.35 3.10
CA TYR A 46 -4.06 9.49 3.81
C TYR A 46 -4.81 9.02 5.03
N LYS A 47 -4.59 9.72 6.13
CA LYS A 47 -5.24 9.46 7.42
C LYS A 47 -6.65 8.89 7.27
N GLY A 48 -6.83 7.68 7.78
CA GLY A 48 -8.12 7.01 7.71
C GLY A 48 -8.49 6.44 9.07
N LYS A 49 -8.04 7.13 10.11
CA LYS A 49 -8.28 6.72 11.48
C LYS A 49 -9.70 7.07 11.90
N ASN A 50 -10.09 6.59 13.08
CA ASN A 50 -11.31 7.06 13.72
C ASN A 50 -10.99 8.34 14.48
N ASP A 51 -9.69 8.61 14.61
CA ASP A 51 -9.21 9.85 15.21
C ASP A 51 -8.83 10.84 14.13
N SER A 52 -8.20 11.93 14.52
CA SER A 52 -7.79 12.96 13.59
C SER A 52 -6.31 12.79 13.23
N ASP A 53 -5.91 13.46 12.16
CA ASP A 53 -4.53 13.44 11.71
C ASP A 53 -3.76 14.57 12.36
N GLY A 54 -2.66 14.22 13.01
CA GLY A 54 -1.78 15.22 13.58
C GLY A 54 -0.79 15.70 12.55
N LYS A 55 -0.90 15.16 11.34
CA LYS A 55 -0.04 15.54 10.25
C LYS A 55 -0.77 16.45 9.28
N LYS A 56 -2.10 16.27 9.18
CA LYS A 56 -2.95 16.99 8.22
C LYS A 56 -2.56 16.65 6.78
N LYS A 57 -1.67 15.69 6.64
CA LYS A 57 -1.11 15.32 5.35
C LYS A 57 -0.91 13.80 5.32
N PRO A 58 -0.45 13.22 4.19
CA PRO A 58 -0.03 11.82 4.16
C PRO A 58 0.92 11.51 5.31
N ILE A 59 0.76 10.34 5.90
CA ILE A 59 1.50 9.95 7.09
C ILE A 59 2.92 9.47 6.77
N GLY A 60 3.35 9.66 5.52
CA GLY A 60 4.67 9.21 5.12
C GLY A 60 4.66 7.98 4.24
N SER A 61 4.19 8.20 3.01
CA SER A 61 4.08 7.15 2.00
C SER A 61 5.46 6.65 1.52
N PHE A 62 5.46 5.55 0.78
CA PHE A 62 6.71 4.99 0.24
C PHE A 62 6.52 4.63 -1.24
N PRO A 63 7.61 4.59 -2.03
CA PRO A 63 7.54 4.24 -3.44
C PRO A 63 7.44 2.73 -3.67
N LEU A 64 6.50 2.33 -4.53
CA LEU A 64 6.20 0.92 -4.77
C LEU A 64 7.34 0.20 -5.48
N ASN A 65 8.09 0.93 -6.30
CA ASN A 65 9.19 0.33 -7.05
C ASN A 65 10.37 -0.03 -6.14
N LYS A 66 10.23 0.20 -4.84
CA LYS A 66 11.27 -0.12 -3.89
C LYS A 66 10.95 -1.41 -3.14
N ILE A 67 9.73 -1.92 -3.31
CA ILE A 67 9.29 -3.11 -2.60
C ILE A 67 10.16 -4.31 -2.97
N THR A 68 10.70 -4.98 -1.98
CA THR A 68 11.56 -6.13 -2.23
C THR A 68 10.74 -7.40 -2.20
N SER A 69 9.75 -7.46 -1.31
CA SER A 69 8.85 -8.60 -1.25
C SER A 69 7.53 -8.25 -0.57
N ILE A 70 6.43 -8.58 -1.24
CA ILE A 70 5.09 -8.38 -0.69
C ILE A 70 4.43 -9.74 -0.43
N ARG A 71 4.19 -10.03 0.85
CA ARG A 71 3.62 -11.31 1.24
C ARG A 71 2.81 -11.17 2.52
N THR A 72 2.02 -12.18 2.80
CA THR A 72 1.10 -12.17 3.92
C THR A 72 1.79 -12.59 5.21
N LYS A 73 1.40 -11.95 6.32
CA LYS A 73 1.90 -12.35 7.61
C LYS A 73 1.38 -13.74 7.94
N VAL A 74 2.30 -14.67 8.13
CA VAL A 74 1.99 -16.06 8.28
C VAL A 74 1.15 -16.36 9.52
N ASP A 75 1.36 -15.60 10.59
CA ASP A 75 0.66 -15.86 11.84
C ASP A 75 -0.67 -15.10 11.88
N ASN A 76 -0.82 -14.15 10.98
CA ASN A 76 -2.02 -13.34 10.92
C ASN A 76 -2.37 -13.04 9.48
N LEU A 77 -3.24 -13.86 8.91
CA LEU A 77 -3.60 -13.77 7.49
C LEU A 77 -4.40 -12.51 7.19
N LYS A 78 -4.85 -11.83 8.24
CA LYS A 78 -5.53 -10.55 8.06
C LYS A 78 -4.51 -9.43 7.93
N SER A 79 -3.25 -9.77 8.15
CA SER A 79 -2.18 -8.80 8.05
C SER A 79 -1.25 -9.15 6.90
N LEU A 80 -0.52 -8.16 6.44
CA LEU A 80 0.36 -8.30 5.31
C LEU A 80 1.67 -7.59 5.58
N GLU A 81 2.76 -8.32 5.67
CA GLU A 81 4.04 -7.73 5.97
C GLU A 81 4.83 -7.54 4.69
N ILE A 82 5.11 -6.29 4.37
CA ILE A 82 5.79 -5.97 3.12
C ILE A 82 7.18 -5.42 3.39
N SER A 83 8.16 -6.14 2.88
CA SER A 83 9.53 -5.72 2.99
C SER A 83 9.87 -4.86 1.78
N VAL A 84 10.34 -3.66 2.05
CA VAL A 84 10.65 -2.73 0.98
C VAL A 84 12.03 -2.11 1.21
N SER A 85 12.69 -1.73 0.12
CA SER A 85 13.97 -1.06 0.19
C SER A 85 13.74 0.31 0.78
N SER A 86 14.09 0.45 2.03
CA SER A 86 13.61 1.53 2.86
C SER A 86 14.74 2.28 3.55
N VAL A 87 14.44 3.52 3.88
CA VAL A 87 15.31 4.36 4.67
C VAL A 87 14.74 4.37 6.08
N HIS A 88 15.28 5.21 6.97
CA HIS A 88 14.89 5.24 8.40
C HIS A 88 13.37 5.02 8.59
N ILE A 89 12.99 3.75 8.80
CA ILE A 89 11.60 3.36 9.00
C ILE A 89 11.54 1.83 9.12
N SER A 90 10.49 1.34 9.73
CA SER A 90 10.32 -0.09 9.94
C SER A 90 9.67 -0.73 8.71
N THR A 91 9.59 -2.05 8.71
CA THR A 91 8.95 -2.79 7.64
C THR A 91 7.46 -2.41 7.60
N TYR A 92 6.90 -2.35 6.41
CA TYR A 92 5.54 -1.85 6.25
C TYR A 92 4.53 -2.97 6.42
N LEU A 93 3.66 -2.79 7.39
CA LEU A 93 2.62 -3.77 7.67
C LEU A 93 1.26 -3.25 7.28
N PHE A 94 0.69 -3.90 6.29
CA PHE A 94 -0.66 -3.62 5.83
C PHE A 94 -1.61 -4.57 6.54
N THR A 95 -2.42 -4.05 7.45
CA THR A 95 -3.28 -4.91 8.24
C THR A 95 -4.75 -4.57 8.03
N PHE A 96 -5.53 -5.59 7.71
CA PHE A 96 -6.95 -5.41 7.46
C PHE A 96 -7.77 -6.19 8.49
N LYS A 97 -9.08 -6.13 8.35
CA LYS A 97 -9.98 -6.80 9.27
C LYS A 97 -10.13 -8.27 8.89
N THR A 98 -9.98 -8.57 7.60
CA THR A 98 -10.16 -9.91 7.08
C THR A 98 -9.02 -10.29 6.17
N ARG A 99 -8.88 -11.58 5.88
CA ARG A 99 -7.88 -12.04 4.92
C ARG A 99 -8.30 -11.64 3.51
N GLU A 100 -9.60 -11.76 3.25
CA GLU A 100 -10.14 -11.50 1.92
C GLU A 100 -9.76 -10.10 1.42
N GLU A 101 -9.96 -9.11 2.29
CA GLU A 101 -9.67 -7.72 1.95
C GLU A 101 -8.19 -7.54 1.58
N ARG A 102 -7.31 -8.07 2.41
CA ARG A 102 -5.87 -7.92 2.19
C ARG A 102 -5.42 -8.82 1.04
N GLU A 103 -6.12 -9.93 0.85
CA GLU A 103 -5.84 -10.87 -0.22
C GLU A 103 -5.94 -10.17 -1.57
N SER A 104 -7.09 -9.52 -1.78
CA SER A 104 -7.32 -8.75 -2.98
C SER A 104 -6.24 -7.69 -3.15
N TRP A 105 -6.02 -6.89 -2.11
CA TRP A 105 -5.06 -5.80 -2.15
C TRP A 105 -3.68 -6.29 -2.60
N GLN A 106 -3.16 -7.30 -1.91
CA GLN A 106 -1.87 -7.89 -2.24
C GLN A 106 -1.79 -8.30 -3.71
N ASN A 107 -2.81 -8.99 -4.20
CA ASN A 107 -2.81 -9.47 -5.58
C ASN A 107 -2.88 -8.30 -6.56
N ASN A 108 -3.69 -7.31 -6.23
CA ASN A 108 -3.81 -6.12 -7.05
C ASN A 108 -2.49 -5.35 -7.08
N LEU A 109 -1.97 -5.08 -5.90
CA LEU A 109 -0.76 -4.29 -5.75
C LEU A 109 0.44 -5.02 -6.35
N GLU A 110 0.50 -6.34 -6.16
CA GLU A 110 1.60 -7.12 -6.70
C GLU A 110 1.65 -7.02 -8.22
N SER A 111 0.50 -7.15 -8.85
CA SER A 111 0.40 -7.04 -10.30
C SER A 111 0.68 -5.61 -10.75
N PHE A 112 0.13 -4.64 -10.02
CA PHE A 112 0.40 -3.23 -10.30
C PHE A 112 1.89 -2.95 -10.14
N ARG A 113 2.47 -3.55 -9.11
CA ARG A 113 3.90 -3.51 -8.87
C ARG A 113 4.65 -4.08 -10.07
N LYS A 114 4.16 -5.20 -10.60
CA LYS A 114 4.77 -5.84 -11.75
C LYS A 114 4.62 -4.98 -13.01
N ILE A 115 3.55 -4.22 -13.10
CA ILE A 115 3.35 -3.35 -14.25
C ILE A 115 4.40 -2.24 -14.30
N MET A 116 4.89 -1.84 -13.13
CA MET A 116 5.84 -0.73 -13.06
C MET A 116 7.26 -1.20 -12.80
N SER A 117 7.41 -2.13 -11.87
CA SER A 117 8.74 -2.58 -11.45
C SER A 117 9.19 -3.77 -12.26
N MET A 118 8.27 -4.66 -12.59
CA MET A 118 8.57 -5.83 -13.40
C MET A 118 8.05 -5.63 -14.81
N LYS A 119 8.07 -4.37 -15.24
CA LYS A 119 7.50 -3.96 -16.52
C LYS A 119 8.19 -4.67 -17.67
N SER A 1 -2.84 4.22 -22.00
CA SER A 1 -2.08 4.05 -23.25
C SER A 1 -2.87 3.22 -24.26
N ALA A 2 -2.82 1.90 -24.11
CA ALA A 2 -3.64 1.02 -24.91
C ALA A 2 -4.41 0.06 -24.02
N LYS A 3 -3.81 -1.07 -23.70
CA LYS A 3 -4.46 -2.06 -22.85
C LYS A 3 -3.82 -2.07 -21.47
N ASP A 4 -4.13 -1.04 -20.69
CA ASP A 4 -3.69 -0.92 -19.29
C ASP A 4 -2.24 -0.48 -19.14
N ILE A 5 -1.40 -0.78 -20.12
CA ILE A 5 0.06 -0.69 -19.97
C ILE A 5 0.53 0.53 -19.16
N LYS A 6 0.58 1.72 -19.75
CA LYS A 6 1.08 2.88 -19.03
C LYS A 6 0.08 3.45 -18.01
N ASP A 7 -1.00 4.03 -18.51
CA ASP A 7 -1.91 4.83 -17.69
C ASP A 7 -2.95 3.99 -16.96
N GLU A 8 -3.63 3.13 -17.70
CA GLU A 8 -4.83 2.49 -17.22
C GLU A 8 -4.57 1.55 -16.05
N LYS A 9 -3.39 0.94 -16.00
CA LYS A 9 -3.02 0.10 -14.86
C LYS A 9 -3.07 0.92 -13.57
N ILE A 10 -2.60 2.15 -13.66
CA ILE A 10 -2.59 3.05 -12.52
C ILE A 10 -4.00 3.39 -12.11
N GLN A 11 -4.81 3.79 -13.07
CA GLN A 11 -6.18 4.19 -12.83
C GLN A 11 -7.00 3.04 -12.25
N GLN A 12 -6.88 1.86 -12.87
CA GLN A 12 -7.61 0.68 -12.44
C GLN A 12 -7.22 0.29 -11.02
N TYR A 13 -5.93 0.05 -10.82
CA TYR A 13 -5.43 -0.44 -9.55
C TYR A 13 -5.61 0.60 -8.45
N ARG A 14 -5.38 1.87 -8.75
CA ARG A 14 -5.50 2.93 -7.75
C ARG A 14 -6.89 2.94 -7.13
N LYS A 15 -7.89 2.59 -7.94
CA LYS A 15 -9.28 2.53 -7.49
C LYS A 15 -9.45 1.45 -6.42
N THR A 16 -8.98 0.25 -6.73
CA THR A 16 -9.16 -0.89 -5.86
C THR A 16 -8.16 -0.85 -4.70
N LEU A 17 -7.10 -0.08 -4.87
CA LEU A 17 -6.02 0.00 -3.90
C LEU A 17 -6.44 0.80 -2.66
N THR A 18 -7.39 1.72 -2.81
CA THR A 18 -7.81 2.54 -1.68
C THR A 18 -8.56 1.72 -0.63
N LYS A 19 -7.92 1.51 0.51
CA LYS A 19 -8.48 0.70 1.58
C LYS A 19 -8.18 1.30 2.96
N ILE A 20 -9.12 1.12 3.90
CA ILE A 20 -8.88 1.52 5.29
C ILE A 20 -8.21 0.37 6.03
N VAL A 21 -6.95 0.58 6.37
CA VAL A 21 -6.17 -0.48 7.00
C VAL A 21 -5.36 0.06 8.16
N LYS A 22 -4.77 -0.82 8.94
CA LYS A 22 -3.92 -0.42 10.04
C LYS A 22 -2.46 -0.51 9.64
N ILE A 23 -1.78 0.63 9.66
CA ILE A 23 -0.37 0.67 9.34
C ILE A 23 0.46 0.50 10.59
N LYS A 24 1.52 -0.28 10.50
CA LYS A 24 2.38 -0.54 11.63
C LYS A 24 3.84 -0.31 11.26
N THR A 25 4.39 0.80 11.76
CA THR A 25 5.78 1.13 11.49
C THR A 25 6.51 1.44 12.80
N ALA A 26 7.80 1.68 12.72
CA ALA A 26 8.56 2.08 13.90
C ALA A 26 8.18 3.50 14.30
N ILE A 27 7.77 4.29 13.31
CA ILE A 27 7.42 5.68 13.54
C ILE A 27 6.06 5.79 14.21
N PHE A 28 5.10 5.04 13.70
CA PHE A 28 3.73 5.06 14.24
C PHE A 28 2.92 3.87 13.73
N HIS A 29 2.02 3.38 14.55
CA HIS A 29 1.04 2.40 14.10
C HIS A 29 -0.31 3.10 14.04
N GLU A 30 -0.82 3.33 12.83
CA GLU A 30 -1.98 4.18 12.65
C GLU A 30 -2.93 3.61 11.60
N THR A 31 -4.23 3.71 11.87
CA THR A 31 -5.24 3.37 10.88
C THR A 31 -5.22 4.39 9.75
N VAL A 32 -5.11 3.92 8.53
CA VAL A 32 -4.89 4.80 7.40
C VAL A 32 -5.64 4.32 6.16
N LYS A 33 -5.93 5.24 5.26
CA LYS A 33 -6.51 4.89 3.97
C LYS A 33 -5.39 4.84 2.95
N VAL A 34 -5.10 3.65 2.49
CA VAL A 34 -4.00 3.44 1.58
C VAL A 34 -4.48 3.46 0.13
N THR A 35 -3.86 4.28 -0.70
CA THR A 35 -4.15 4.30 -2.11
C THR A 35 -2.85 4.45 -2.89
N CYS A 36 -2.93 4.42 -4.21
CA CYS A 36 -1.75 4.65 -5.02
C CYS A 36 -1.77 6.07 -5.56
N SER A 37 -0.61 6.52 -6.01
CA SER A 37 -0.46 7.86 -6.52
C SER A 37 -0.96 7.90 -7.97
N LYS A 38 -1.26 9.10 -8.46
CA LYS A 38 -1.75 9.27 -9.83
C LYS A 38 -0.66 8.90 -10.81
N ASP A 39 0.58 8.96 -10.35
CA ASP A 39 1.73 8.61 -11.18
C ASP A 39 1.98 7.11 -11.16
N GLY A 40 1.37 6.42 -10.21
CA GLY A 40 1.50 4.98 -10.11
C GLY A 40 2.79 4.55 -9.44
N LYS A 41 3.75 5.46 -9.36
CA LYS A 41 5.10 5.14 -8.90
C LYS A 41 5.15 4.85 -7.40
N MET A 42 4.24 5.44 -6.65
CA MET A 42 4.32 5.34 -5.20
C MET A 42 2.96 5.06 -4.59
N LEU A 43 2.98 4.58 -3.36
CA LEU A 43 1.77 4.23 -2.64
C LEU A 43 1.50 5.29 -1.58
N GLU A 44 0.53 6.15 -1.83
CA GLU A 44 0.25 7.26 -0.94
C GLU A 44 -0.94 6.98 -0.06
N TRP A 45 -0.80 7.28 1.21
CA TRP A 45 -1.83 6.99 2.17
C TRP A 45 -2.20 8.22 2.99
N TYR A 46 -3.48 8.35 3.29
CA TYR A 46 -3.97 9.45 4.08
C TYR A 46 -4.68 8.90 5.29
N LYS A 47 -4.43 9.53 6.44
CA LYS A 47 -5.07 9.15 7.71
C LYS A 47 -6.51 8.72 7.51
N GLY A 48 -6.80 7.48 7.88
CA GLY A 48 -8.12 6.92 7.65
C GLY A 48 -8.91 6.84 8.94
N LYS A 49 -8.32 7.39 10.00
CA LYS A 49 -8.97 7.43 11.29
C LYS A 49 -10.14 8.41 11.26
N ASN A 50 -9.82 9.69 11.28
CA ASN A 50 -10.82 10.75 11.13
C ASN A 50 -10.14 12.12 11.14
N ASP A 51 -9.70 12.55 12.31
CA ASP A 51 -9.06 13.86 12.44
C ASP A 51 -7.88 13.81 13.41
N SER A 52 -7.65 12.65 14.00
CA SER A 52 -6.59 12.50 14.99
C SER A 52 -5.23 12.24 14.34
N ASP A 53 -5.02 12.88 13.19
CA ASP A 53 -3.76 12.79 12.49
C ASP A 53 -2.83 13.90 12.94
N GLY A 54 -1.54 13.62 12.97
CA GLY A 54 -0.58 14.61 13.40
C GLY A 54 0.21 15.19 12.25
N LYS A 55 -0.33 15.04 11.04
CA LYS A 55 0.35 15.49 9.85
C LYS A 55 -0.54 16.45 9.05
N LYS A 56 -1.83 16.13 9.00
CA LYS A 56 -2.80 16.87 8.19
C LYS A 56 -2.41 16.80 6.72
N LYS A 57 -1.63 15.76 6.44
CA LYS A 57 -1.14 15.44 5.10
C LYS A 57 -0.88 13.93 5.07
N PRO A 58 -0.35 13.33 3.99
CA PRO A 58 0.07 11.93 4.03
C PRO A 58 1.07 11.67 5.15
N ILE A 59 0.97 10.50 5.76
CA ILE A 59 1.80 10.14 6.91
C ILE A 59 3.23 9.76 6.51
N GLY A 60 3.56 9.95 5.24
CA GLY A 60 4.87 9.58 4.74
C GLY A 60 4.84 8.32 3.93
N SER A 61 4.23 8.43 2.75
CA SER A 61 4.09 7.33 1.82
C SER A 61 5.44 6.84 1.29
N PHE A 62 5.45 5.67 0.64
CA PHE A 62 6.67 5.09 0.10
C PHE A 62 6.47 4.71 -1.38
N PRO A 63 7.55 4.66 -2.18
CA PRO A 63 7.47 4.30 -3.59
C PRO A 63 7.39 2.79 -3.82
N LEU A 64 6.48 2.39 -4.71
CA LEU A 64 6.22 0.98 -4.98
C LEU A 64 7.41 0.32 -5.66
N ASN A 65 8.25 1.12 -6.31
CA ASN A 65 9.40 0.61 -7.02
C ASN A 65 10.53 0.20 -6.07
N LYS A 66 10.27 0.32 -4.76
CA LYS A 66 11.25 -0.06 -3.76
C LYS A 66 10.88 -1.39 -3.09
N ILE A 67 9.65 -1.85 -3.32
CA ILE A 67 9.16 -3.07 -2.66
C ILE A 67 10.00 -4.27 -3.04
N THR A 68 10.54 -4.95 -2.03
CA THR A 68 11.38 -6.10 -2.26
C THR A 68 10.55 -7.38 -2.22
N SER A 69 9.54 -7.41 -1.35
CA SER A 69 8.67 -8.56 -1.23
C SER A 69 7.37 -8.18 -0.55
N ILE A 70 6.25 -8.43 -1.22
CA ILE A 70 4.94 -8.19 -0.64
C ILE A 70 4.29 -9.52 -0.26
N ARG A 71 4.23 -9.81 1.02
CA ARG A 71 3.73 -11.09 1.49
C ARG A 71 2.80 -10.96 2.68
N THR A 72 2.09 -12.04 2.92
CA THR A 72 1.12 -12.11 4.00
C THR A 72 1.79 -12.59 5.27
N LYS A 73 1.39 -12.05 6.41
CA LYS A 73 1.94 -12.49 7.67
C LYS A 73 1.50 -13.91 7.95
N VAL A 74 2.49 -14.79 8.06
CA VAL A 74 2.27 -16.22 8.16
C VAL A 74 1.40 -16.62 9.35
N ASP A 75 1.47 -15.87 10.45
CA ASP A 75 0.73 -16.21 11.66
C ASP A 75 -0.61 -15.48 11.71
N ASN A 76 -0.73 -14.43 10.92
CA ASN A 76 -1.95 -13.64 10.87
C ASN A 76 -2.26 -13.25 9.44
N LEU A 77 -3.16 -14.00 8.83
CA LEU A 77 -3.46 -13.85 7.41
C LEU A 77 -4.25 -12.59 7.14
N LYS A 78 -4.73 -11.95 8.18
CA LYS A 78 -5.44 -10.68 8.05
C LYS A 78 -4.42 -9.56 7.95
N SER A 79 -3.18 -9.88 8.29
CA SER A 79 -2.10 -8.92 8.22
C SER A 79 -1.22 -9.22 7.03
N LEU A 80 -0.54 -8.21 6.56
CA LEU A 80 0.30 -8.31 5.38
C LEU A 80 1.61 -7.58 5.63
N GLU A 81 2.70 -8.31 5.65
CA GLU A 81 3.99 -7.73 5.92
C GLU A 81 4.74 -7.51 4.61
N ILE A 82 5.00 -6.27 4.30
CA ILE A 82 5.63 -5.92 3.05
C ILE A 82 7.03 -5.38 3.27
N SER A 83 7.99 -6.10 2.74
CA SER A 83 9.37 -5.70 2.84
C SER A 83 9.70 -4.81 1.66
N VAL A 84 10.21 -3.63 1.94
CA VAL A 84 10.55 -2.67 0.91
C VAL A 84 11.94 -2.12 1.18
N SER A 85 12.61 -1.62 0.14
CA SER A 85 13.89 -0.99 0.33
C SER A 85 13.66 0.32 1.07
N SER A 86 13.98 0.31 2.35
CA SER A 86 13.48 1.32 3.26
C SER A 86 14.57 2.25 3.78
N VAL A 87 14.13 3.43 4.13
CA VAL A 87 14.94 4.40 4.85
C VAL A 87 14.48 4.38 6.29
N HIS A 88 14.95 5.30 7.13
CA HIS A 88 14.57 5.33 8.55
C HIS A 88 13.06 5.07 8.75
N ILE A 89 12.74 3.82 9.08
CA ILE A 89 11.38 3.34 9.24
C ILE A 89 11.43 1.81 9.36
N SER A 90 10.31 1.19 9.70
CA SER A 90 10.25 -0.26 9.84
C SER A 90 9.57 -0.87 8.62
N THR A 91 9.56 -2.19 8.56
CA THR A 91 8.88 -2.91 7.49
C THR A 91 7.40 -2.57 7.53
N TYR A 92 6.79 -2.43 6.37
CA TYR A 92 5.45 -1.90 6.28
C TYR A 92 4.42 -3.01 6.42
N LEU A 93 3.59 -2.88 7.44
CA LEU A 93 2.55 -3.85 7.71
C LEU A 93 1.20 -3.30 7.31
N PHE A 94 0.62 -3.93 6.30
CA PHE A 94 -0.71 -3.63 5.83
C PHE A 94 -1.68 -4.58 6.52
N THR A 95 -2.52 -4.05 7.40
CA THR A 95 -3.36 -4.91 8.20
C THR A 95 -4.85 -4.66 7.96
N PHE A 96 -5.55 -5.71 7.59
CA PHE A 96 -7.00 -5.66 7.45
C PHE A 96 -7.65 -6.51 8.52
N LYS A 97 -8.96 -6.57 8.52
CA LYS A 97 -9.69 -7.36 9.50
C LYS A 97 -9.98 -8.78 9.00
N THR A 98 -9.85 -8.99 7.69
CA THR A 98 -10.03 -10.32 7.12
C THR A 98 -8.96 -10.61 6.08
N ARG A 99 -8.66 -11.89 5.86
CA ARG A 99 -7.68 -12.28 4.86
C ARG A 99 -8.15 -11.86 3.48
N GLU A 100 -9.43 -12.10 3.20
CA GLU A 100 -10.01 -11.83 1.88
C GLU A 100 -9.75 -10.39 1.44
N GLU A 101 -9.95 -9.46 2.37
CA GLU A 101 -9.79 -8.05 2.06
C GLU A 101 -8.34 -7.70 1.77
N ARG A 102 -7.41 -8.23 2.56
CA ARG A 102 -6.00 -7.97 2.34
C ARG A 102 -5.50 -8.77 1.12
N GLU A 103 -6.15 -9.91 0.88
CA GLU A 103 -5.83 -10.78 -0.25
C GLU A 103 -5.98 -10.01 -1.57
N SER A 104 -7.15 -9.41 -1.74
CA SER A 104 -7.44 -8.64 -2.94
C SER A 104 -6.38 -7.58 -3.14
N TRP A 105 -6.13 -6.79 -2.09
CA TRP A 105 -5.18 -5.70 -2.14
C TRP A 105 -3.79 -6.20 -2.58
N GLN A 106 -3.27 -7.21 -1.87
CA GLN A 106 -1.98 -7.80 -2.22
C GLN A 106 -1.94 -8.25 -3.67
N ASN A 107 -2.96 -8.99 -4.10
CA ASN A 107 -2.99 -9.53 -5.46
C ASN A 107 -2.96 -8.39 -6.48
N ASN A 108 -3.74 -7.36 -6.20
CA ASN A 108 -3.81 -6.19 -7.08
C ASN A 108 -2.48 -5.45 -7.09
N LEU A 109 -2.00 -5.09 -5.91
CA LEU A 109 -0.80 -4.29 -5.77
C LEU A 109 0.42 -5.04 -6.28
N GLU A 110 0.47 -6.34 -6.01
CA GLU A 110 1.58 -7.18 -6.47
C GLU A 110 1.70 -7.10 -7.97
N SER A 111 0.59 -7.37 -8.67
CA SER A 111 0.57 -7.33 -10.13
C SER A 111 0.98 -5.95 -10.63
N PHE A 112 0.42 -4.92 -10.01
CA PHE A 112 0.74 -3.54 -10.37
C PHE A 112 2.24 -3.28 -10.18
N ARG A 113 2.76 -3.77 -9.05
CA ARG A 113 4.19 -3.70 -8.77
C ARG A 113 4.98 -4.51 -9.79
N LYS A 114 4.44 -5.66 -10.19
CA LYS A 114 5.11 -6.52 -11.17
C LYS A 114 5.21 -5.82 -12.52
N ILE A 115 4.26 -4.96 -12.83
CA ILE A 115 4.31 -4.20 -14.07
C ILE A 115 5.42 -3.16 -14.04
N MET A 116 5.76 -2.70 -12.84
CA MET A 116 6.73 -1.62 -12.70
C MET A 116 8.10 -2.12 -12.29
N SER A 117 8.16 -3.05 -11.34
CA SER A 117 9.42 -3.55 -10.82
C SER A 117 9.82 -4.82 -11.56
N MET A 118 8.84 -5.65 -11.87
CA MET A 118 9.07 -6.88 -12.61
C MET A 118 8.75 -6.64 -14.08
N LYS A 119 8.98 -5.40 -14.51
CA LYS A 119 8.61 -4.95 -15.84
C LYS A 119 9.38 -5.74 -16.89
N SER A 1 -2.13 6.45 -22.90
CA SER A 1 -0.98 6.32 -23.82
C SER A 1 -1.41 5.50 -25.02
N ALA A 2 -1.87 4.29 -24.75
CA ALA A 2 -2.44 3.43 -25.75
C ALA A 2 -3.93 3.23 -25.48
N LYS A 3 -4.23 2.56 -24.35
CA LYS A 3 -5.62 2.34 -23.96
C LYS A 3 -5.74 1.67 -22.59
N ASP A 4 -4.64 1.54 -21.85
CA ASP A 4 -4.61 0.61 -20.72
C ASP A 4 -3.24 0.59 -20.03
N ILE A 5 -2.20 0.47 -20.82
CA ILE A 5 -0.87 0.10 -20.34
C ILE A 5 -0.28 1.14 -19.35
N LYS A 6 0.14 2.30 -19.85
CA LYS A 6 0.89 3.25 -19.04
C LYS A 6 0.04 3.92 -17.96
N ASP A 7 -0.93 4.71 -18.39
CA ASP A 7 -1.72 5.53 -17.47
C ASP A 7 -2.81 4.71 -16.80
N GLU A 8 -3.51 3.96 -17.63
CA GLU A 8 -4.76 3.33 -17.24
C GLU A 8 -4.57 2.24 -16.17
N LYS A 9 -3.47 1.50 -16.23
CA LYS A 9 -3.17 0.51 -15.19
C LYS A 9 -3.13 1.20 -13.83
N ILE A 10 -2.44 2.34 -13.78
CA ILE A 10 -2.31 3.11 -12.56
C ILE A 10 -3.67 3.54 -12.04
N GLN A 11 -4.48 4.11 -12.93
CA GLN A 11 -5.79 4.64 -12.55
C GLN A 11 -6.73 3.53 -12.12
N GLN A 12 -6.69 2.43 -12.86
CA GLN A 12 -7.54 1.27 -12.60
C GLN A 12 -7.25 0.69 -11.22
N TYR A 13 -6.00 0.37 -10.98
CA TYR A 13 -5.59 -0.24 -9.73
C TYR A 13 -5.76 0.71 -8.55
N ARG A 14 -5.47 1.99 -8.75
CA ARG A 14 -5.60 2.99 -7.68
C ARG A 14 -7.00 2.95 -7.07
N LYS A 15 -7.98 2.67 -7.93
CA LYS A 15 -9.38 2.58 -7.51
C LYS A 15 -9.58 1.50 -6.44
N THR A 16 -9.10 0.30 -6.72
CA THR A 16 -9.29 -0.84 -5.83
C THR A 16 -8.24 -0.84 -4.72
N LEU A 17 -7.15 -0.11 -4.95
CA LEU A 17 -6.03 -0.07 -4.02
C LEU A 17 -6.37 0.75 -2.78
N THR A 18 -7.39 1.60 -2.89
CA THR A 18 -7.76 2.48 -1.80
C THR A 18 -8.55 1.71 -0.73
N LYS A 19 -7.90 1.48 0.41
CA LYS A 19 -8.49 0.69 1.49
C LYS A 19 -8.18 1.27 2.87
N ILE A 20 -9.10 1.08 3.82
CA ILE A 20 -8.87 1.50 5.20
C ILE A 20 -8.20 0.37 5.98
N VAL A 21 -6.94 0.56 6.32
CA VAL A 21 -6.16 -0.49 6.95
C VAL A 21 -5.40 0.05 8.14
N LYS A 22 -4.76 -0.84 8.88
CA LYS A 22 -3.96 -0.45 10.03
C LYS A 22 -2.49 -0.51 9.69
N ILE A 23 -1.85 0.64 9.67
CA ILE A 23 -0.44 0.72 9.35
C ILE A 23 0.39 0.61 10.60
N LYS A 24 1.49 -0.08 10.49
CA LYS A 24 2.38 -0.27 11.61
C LYS A 24 3.82 -0.09 11.17
N THR A 25 4.40 1.06 11.54
CA THR A 25 5.75 1.40 11.13
C THR A 25 6.61 1.70 12.36
N ALA A 26 7.85 2.13 12.13
CA ALA A 26 8.68 2.60 13.22
C ALA A 26 8.20 3.98 13.67
N ILE A 27 7.76 4.77 12.70
CA ILE A 27 7.30 6.12 12.95
C ILE A 27 6.08 6.11 13.86
N PHE A 28 5.02 5.44 13.40
CA PHE A 28 3.78 5.34 14.16
C PHE A 28 2.86 4.27 13.58
N HIS A 29 2.09 3.65 14.46
CA HIS A 29 1.09 2.66 14.03
C HIS A 29 -0.27 3.36 13.98
N GLU A 30 -0.79 3.55 12.78
CA GLU A 30 -2.00 4.36 12.59
C GLU A 30 -2.94 3.73 11.55
N THR A 31 -4.24 3.85 11.80
CA THR A 31 -5.24 3.43 10.82
C THR A 31 -5.23 4.40 9.66
N VAL A 32 -5.13 3.89 8.45
CA VAL A 32 -4.93 4.76 7.30
C VAL A 32 -5.69 4.26 6.07
N LYS A 33 -5.99 5.17 5.17
CA LYS A 33 -6.54 4.80 3.88
C LYS A 33 -5.41 4.76 2.87
N VAL A 34 -5.10 3.57 2.42
CA VAL A 34 -3.98 3.38 1.52
C VAL A 34 -4.44 3.43 0.08
N THR A 35 -3.78 4.24 -0.72
CA THR A 35 -4.07 4.35 -2.13
C THR A 35 -2.76 4.48 -2.90
N CYS A 36 -2.84 4.52 -4.22
CA CYS A 36 -1.66 4.78 -5.01
C CYS A 36 -1.69 6.20 -5.53
N SER A 37 -0.54 6.70 -5.94
CA SER A 37 -0.43 8.07 -6.40
C SER A 37 -0.81 8.16 -7.87
N LYS A 38 -1.02 9.37 -8.35
CA LYS A 38 -1.30 9.57 -9.78
C LYS A 38 -0.10 9.10 -10.59
N ASP A 39 1.07 9.16 -9.96
CA ASP A 39 2.33 8.74 -10.58
C ASP A 39 2.36 7.22 -10.73
N GLY A 40 1.67 6.53 -9.83
CA GLY A 40 1.67 5.08 -9.83
C GLY A 40 2.91 4.50 -9.17
N LYS A 41 3.97 5.31 -9.14
CA LYS A 41 5.28 4.85 -8.73
C LYS A 41 5.40 4.79 -7.20
N MET A 42 4.46 5.41 -6.50
CA MET A 42 4.49 5.40 -5.05
C MET A 42 3.12 5.12 -4.48
N LEU A 43 3.10 4.55 -3.29
CA LEU A 43 1.87 4.20 -2.61
C LEU A 43 1.58 5.26 -1.57
N GLU A 44 0.61 6.12 -1.85
CA GLU A 44 0.29 7.24 -0.98
C GLU A 44 -0.86 6.88 -0.06
N TRP A 45 -0.72 7.19 1.20
CA TRP A 45 -1.78 6.87 2.15
C TRP A 45 -2.18 8.09 2.96
N TYR A 46 -3.48 8.22 3.17
CA TYR A 46 -4.03 9.35 3.89
C TYR A 46 -4.77 8.84 5.12
N LYS A 47 -4.58 9.55 6.23
CA LYS A 47 -5.25 9.26 7.50
C LYS A 47 -6.63 8.62 7.30
N GLY A 48 -6.78 7.38 7.75
CA GLY A 48 -8.00 6.64 7.53
C GLY A 48 -8.72 6.34 8.82
N LYS A 49 -8.42 7.13 9.84
CA LYS A 49 -9.08 7.00 11.13
C LYS A 49 -10.51 7.53 11.01
N ASN A 50 -10.61 8.86 10.87
CA ASN A 50 -11.89 9.54 10.71
C ASN A 50 -11.64 11.04 10.56
N ASP A 51 -10.94 11.59 11.54
CA ASP A 51 -10.58 13.01 11.52
C ASP A 51 -9.18 13.24 12.08
N SER A 52 -8.83 12.44 13.08
CA SER A 52 -7.57 12.63 13.80
C SER A 52 -6.35 12.33 12.92
N ASP A 53 -5.78 13.39 12.37
CA ASP A 53 -4.50 13.32 11.69
C ASP A 53 -3.51 14.27 12.35
N GLY A 54 -2.34 13.74 12.67
CA GLY A 54 -1.32 14.56 13.30
C GLY A 54 -0.53 15.36 12.29
N LYS A 55 -0.59 14.94 11.04
CA LYS A 55 0.14 15.60 9.98
C LYS A 55 -0.80 16.42 9.08
N LYS A 56 -2.10 16.10 9.13
CA LYS A 56 -3.11 16.74 8.27
C LYS A 56 -2.85 16.43 6.80
N LYS A 57 -1.92 15.52 6.55
CA LYS A 57 -1.45 15.20 5.21
C LYS A 57 -1.13 13.71 5.18
N PRO A 58 -0.61 13.15 4.05
CA PRO A 58 -0.12 11.77 4.06
C PRO A 58 0.83 11.51 5.23
N ILE A 59 0.72 10.33 5.81
CA ILE A 59 1.47 9.98 7.00
C ILE A 59 2.90 9.54 6.68
N GLY A 60 3.31 9.73 5.42
CA GLY A 60 4.66 9.36 5.01
C GLY A 60 4.69 8.10 4.17
N SER A 61 4.17 8.23 2.96
CA SER A 61 4.10 7.14 1.99
C SER A 61 5.49 6.72 1.49
N PHE A 62 5.53 5.60 0.76
CA PHE A 62 6.78 5.07 0.21
C PHE A 62 6.59 4.72 -1.27
N PRO A 63 7.68 4.69 -2.06
CA PRO A 63 7.61 4.34 -3.47
C PRO A 63 7.52 2.83 -3.70
N LEU A 64 6.58 2.43 -4.56
CA LEU A 64 6.28 1.02 -4.80
C LEU A 64 7.43 0.31 -5.50
N ASN A 65 8.22 1.06 -6.27
CA ASN A 65 9.32 0.47 -7.01
C ASN A 65 10.50 0.10 -6.10
N LYS A 66 10.32 0.30 -4.79
CA LYS A 66 11.35 -0.04 -3.83
C LYS A 66 11.01 -1.33 -3.09
N ILE A 67 9.80 -1.85 -3.31
CA ILE A 67 9.35 -3.05 -2.61
C ILE A 67 10.21 -4.26 -2.98
N THR A 68 10.69 -4.96 -1.97
CA THR A 68 11.53 -6.13 -2.19
C THR A 68 10.68 -7.40 -2.17
N SER A 69 9.65 -7.43 -1.33
CA SER A 69 8.76 -8.57 -1.25
C SER A 69 7.44 -8.19 -0.57
N ILE A 70 6.33 -8.62 -1.16
CA ILE A 70 5.02 -8.43 -0.57
C ILE A 70 4.40 -9.79 -0.25
N ARG A 71 4.34 -10.11 1.03
CA ARG A 71 3.80 -11.39 1.47
C ARG A 71 2.82 -11.18 2.61
N THR A 72 1.95 -12.15 2.80
CA THR A 72 1.00 -12.10 3.89
C THR A 72 1.71 -12.48 5.16
N LYS A 73 1.36 -11.82 6.26
CA LYS A 73 1.98 -12.15 7.52
C LYS A 73 1.69 -13.59 7.85
N VAL A 74 2.74 -14.37 7.79
CA VAL A 74 2.67 -15.80 7.88
C VAL A 74 2.04 -16.27 9.20
N ASP A 75 2.01 -15.41 10.21
CA ASP A 75 1.44 -15.77 11.50
C ASP A 75 0.06 -15.15 11.69
N ASN A 76 -0.33 -14.29 10.75
CA ASN A 76 -1.63 -13.63 10.80
C ASN A 76 -2.08 -13.27 9.39
N LEU A 77 -2.97 -14.08 8.85
CA LEU A 77 -3.38 -13.94 7.46
C LEU A 77 -4.22 -12.68 7.23
N LYS A 78 -4.63 -12.04 8.31
CA LYS A 78 -5.38 -10.79 8.21
C LYS A 78 -4.40 -9.63 8.04
N SER A 79 -3.13 -9.91 8.23
CA SER A 79 -2.11 -8.90 8.12
C SER A 79 -1.18 -9.23 6.97
N LEU A 80 -0.47 -8.23 6.49
CA LEU A 80 0.38 -8.35 5.32
C LEU A 80 1.71 -7.66 5.58
N GLU A 81 2.77 -8.42 5.60
CA GLU A 81 4.09 -7.88 5.89
C GLU A 81 4.82 -7.58 4.60
N ILE A 82 5.07 -6.30 4.34
CA ILE A 82 5.73 -5.91 3.12
C ILE A 82 7.12 -5.36 3.38
N SER A 83 8.10 -6.08 2.88
CA SER A 83 9.48 -5.67 2.99
C SER A 83 9.82 -4.81 1.79
N VAL A 84 10.31 -3.62 2.06
CA VAL A 84 10.64 -2.68 0.99
C VAL A 84 12.01 -2.06 1.24
N SER A 85 12.70 -1.68 0.18
CA SER A 85 13.98 -1.02 0.30
C SER A 85 13.73 0.36 0.90
N SER A 86 14.06 0.46 2.16
CA SER A 86 13.54 1.49 3.02
C SER A 86 14.63 2.31 3.67
N VAL A 87 14.24 3.51 4.06
CA VAL A 87 15.10 4.41 4.81
C VAL A 87 14.67 4.33 6.26
N HIS A 88 15.20 5.19 7.14
CA HIS A 88 14.89 5.14 8.58
C HIS A 88 13.40 4.82 8.85
N ILE A 89 13.13 3.55 9.09
CA ILE A 89 11.76 3.05 9.30
C ILE A 89 11.81 1.51 9.33
N SER A 90 10.83 0.91 9.98
CA SER A 90 10.73 -0.54 10.06
C SER A 90 9.92 -1.07 8.88
N THR A 91 9.81 -2.39 8.77
CA THR A 91 9.06 -3.02 7.69
C THR A 91 7.60 -2.57 7.74
N TYR A 92 6.99 -2.40 6.58
CA TYR A 92 5.65 -1.84 6.49
C TYR A 92 4.60 -2.95 6.58
N LEU A 93 3.73 -2.83 7.57
CA LEU A 93 2.68 -3.81 7.78
C LEU A 93 1.33 -3.27 7.35
N PHE A 94 0.78 -3.91 6.34
CA PHE A 94 -0.55 -3.63 5.85
C PHE A 94 -1.51 -4.59 6.53
N THR A 95 -2.40 -4.08 7.36
CA THR A 95 -3.26 -4.95 8.12
C THR A 95 -4.74 -4.65 7.91
N PHE A 96 -5.50 -5.67 7.57
CA PHE A 96 -6.94 -5.56 7.45
C PHE A 96 -7.62 -6.32 8.56
N LYS A 97 -8.94 -6.32 8.58
CA LYS A 97 -9.67 -7.07 9.58
C LYS A 97 -9.72 -8.56 9.22
N THR A 98 -9.65 -8.85 7.93
CA THR A 98 -9.77 -10.23 7.46
C THR A 98 -8.78 -10.54 6.35
N ARG A 99 -8.66 -11.82 6.03
CA ARG A 99 -7.78 -12.25 4.94
C ARG A 99 -8.32 -11.78 3.60
N GLU A 100 -9.60 -12.04 3.37
CA GLU A 100 -10.20 -11.80 2.05
C GLU A 100 -10.10 -10.33 1.64
N GLU A 101 -10.09 -9.44 2.62
CA GLU A 101 -9.96 -8.02 2.34
C GLU A 101 -8.52 -7.68 1.93
N ARG A 102 -7.55 -8.22 2.65
CA ARG A 102 -6.14 -7.96 2.34
C ARG A 102 -5.70 -8.75 1.11
N GLU A 103 -6.33 -9.91 0.89
CA GLU A 103 -6.05 -10.76 -0.25
C GLU A 103 -6.18 -9.97 -1.54
N SER A 104 -7.32 -9.34 -1.72
CA SER A 104 -7.59 -8.54 -2.91
C SER A 104 -6.49 -7.52 -3.10
N TRP A 105 -6.22 -6.75 -2.04
CA TRP A 105 -5.25 -5.67 -2.10
C TRP A 105 -3.89 -6.17 -2.58
N GLN A 106 -3.34 -7.16 -1.88
CA GLN A 106 -2.06 -7.76 -2.24
C GLN A 106 -2.05 -8.22 -3.70
N ASN A 107 -3.05 -8.98 -4.09
CA ASN A 107 -3.12 -9.53 -5.45
C ASN A 107 -3.18 -8.40 -6.49
N ASN A 108 -3.90 -7.33 -6.16
CA ASN A 108 -3.98 -6.17 -7.02
C ASN A 108 -2.65 -5.44 -7.07
N LEU A 109 -2.13 -5.09 -5.90
CA LEU A 109 -0.91 -4.29 -5.79
C LEU A 109 0.28 -5.05 -6.37
N GLU A 110 0.35 -6.35 -6.09
CA GLU A 110 1.46 -7.15 -6.59
C GLU A 110 1.52 -7.08 -8.11
N SER A 111 0.40 -7.34 -8.76
CA SER A 111 0.33 -7.30 -10.20
C SER A 111 0.67 -5.89 -10.72
N PHE A 112 0.12 -4.88 -10.07
CA PHE A 112 0.40 -3.49 -10.42
C PHE A 112 1.88 -3.19 -10.25
N ARG A 113 2.43 -3.66 -9.14
CA ARG A 113 3.86 -3.57 -8.84
C ARG A 113 4.67 -4.27 -9.94
N LYS A 114 4.18 -5.42 -10.37
CA LYS A 114 4.84 -6.19 -11.41
C LYS A 114 4.78 -5.49 -12.76
N ILE A 115 3.74 -4.70 -12.99
CA ILE A 115 3.65 -3.92 -14.21
C ILE A 115 4.74 -2.85 -14.27
N MET A 116 5.16 -2.37 -13.10
CA MET A 116 6.11 -1.26 -13.04
C MET A 116 7.52 -1.71 -12.69
N SER A 117 7.64 -2.58 -11.69
CA SER A 117 8.96 -3.00 -11.21
C SER A 117 9.40 -4.26 -11.93
N MET A 118 8.44 -5.13 -12.22
CA MET A 118 8.73 -6.34 -12.99
C MET A 118 8.27 -6.13 -14.43
N LYS A 119 8.41 -4.90 -14.89
CA LYS A 119 7.93 -4.49 -16.20
C LYS A 119 8.60 -5.30 -17.30
N SER A 1 -3.58 6.28 -21.07
CA SER A 1 -2.61 6.15 -22.17
C SER A 1 -3.28 5.48 -23.37
N ALA A 2 -2.51 4.79 -24.20
CA ALA A 2 -3.05 4.15 -25.39
C ALA A 2 -4.17 3.17 -25.07
N LYS A 3 -3.80 1.96 -24.70
CA LYS A 3 -4.78 0.90 -24.52
C LYS A 3 -4.67 0.28 -23.13
N ASP A 4 -4.84 1.09 -22.08
CA ASP A 4 -4.82 0.62 -20.70
C ASP A 4 -3.41 0.27 -20.23
N ILE A 5 -2.38 0.89 -20.80
CA ILE A 5 -1.01 0.51 -20.42
C ILE A 5 -0.44 1.38 -19.30
N LYS A 6 0.06 2.56 -19.64
CA LYS A 6 0.84 3.35 -18.70
C LYS A 6 0.00 3.99 -17.60
N ASP A 7 -0.87 4.92 -17.98
CA ASP A 7 -1.64 5.68 -17.00
C ASP A 7 -2.83 4.89 -16.52
N GLU A 8 -3.46 4.19 -17.45
CA GLU A 8 -4.73 3.56 -17.22
C GLU A 8 -4.66 2.44 -16.18
N LYS A 9 -3.56 1.70 -16.14
CA LYS A 9 -3.39 0.68 -15.10
C LYS A 9 -3.35 1.35 -13.73
N ILE A 10 -2.61 2.44 -13.64
CA ILE A 10 -2.45 3.18 -12.41
C ILE A 10 -3.80 3.66 -11.89
N GLN A 11 -4.53 4.36 -12.73
CA GLN A 11 -5.78 4.98 -12.34
C GLN A 11 -6.87 3.95 -12.02
N GLN A 12 -6.85 2.83 -12.73
CA GLN A 12 -7.81 1.75 -12.50
C GLN A 12 -7.49 0.99 -11.22
N TYR A 13 -6.27 0.50 -11.10
CA TYR A 13 -5.87 -0.26 -9.91
C TYR A 13 -5.97 0.61 -8.66
N ARG A 14 -5.76 1.90 -8.81
CA ARG A 14 -5.83 2.84 -7.70
C ARG A 14 -7.16 2.73 -6.95
N LYS A 15 -8.24 2.44 -7.67
CA LYS A 15 -9.57 2.36 -7.08
C LYS A 15 -9.64 1.25 -6.04
N THR A 16 -9.25 0.05 -6.46
CA THR A 16 -9.29 -1.12 -5.60
C THR A 16 -8.12 -1.10 -4.62
N LEU A 17 -7.10 -0.34 -4.96
CA LEU A 17 -5.90 -0.21 -4.13
C LEU A 17 -6.19 0.66 -2.91
N THR A 18 -7.29 1.39 -2.93
CA THR A 18 -7.65 2.26 -1.83
C THR A 18 -8.40 1.50 -0.75
N LYS A 19 -7.77 1.35 0.41
CA LYS A 19 -8.33 0.59 1.51
C LYS A 19 -8.07 1.29 2.85
N ILE A 20 -9.03 1.21 3.76
CA ILE A 20 -8.83 1.70 5.13
C ILE A 20 -8.21 0.57 5.95
N VAL A 21 -6.94 0.72 6.29
CA VAL A 21 -6.19 -0.35 6.94
C VAL A 21 -5.41 0.18 8.13
N LYS A 22 -4.82 -0.71 8.89
CA LYS A 22 -4.00 -0.33 10.03
C LYS A 22 -2.53 -0.47 9.66
N ILE A 23 -1.81 0.62 9.72
CA ILE A 23 -0.40 0.62 9.38
C ILE A 23 0.44 0.44 10.63
N LYS A 24 1.48 -0.35 10.51
CA LYS A 24 2.35 -0.67 11.64
C LYS A 24 3.80 -0.40 11.27
N THR A 25 4.39 0.62 11.89
CA THR A 25 5.73 1.06 11.51
C THR A 25 6.61 1.28 12.74
N ALA A 26 7.77 1.89 12.53
CA ALA A 26 8.64 2.28 13.63
C ALA A 26 8.22 3.65 14.15
N ILE A 27 7.47 4.37 13.33
CA ILE A 27 7.03 5.71 13.68
C ILE A 27 5.73 5.65 14.47
N PHE A 28 4.71 5.06 13.87
CA PHE A 28 3.41 4.94 14.51
C PHE A 28 2.53 3.88 13.84
N HIS A 29 1.72 3.22 14.64
CA HIS A 29 0.69 2.33 14.14
C HIS A 29 -0.64 3.09 14.11
N GLU A 30 -1.11 3.40 12.92
CA GLU A 30 -2.29 4.22 12.75
C GLU A 30 -3.18 3.66 11.65
N THR A 31 -4.48 3.87 11.78
CA THR A 31 -5.41 3.49 10.73
C THR A 31 -5.30 4.49 9.58
N VAL A 32 -5.19 4.01 8.36
CA VAL A 32 -4.93 4.88 7.23
C VAL A 32 -5.66 4.40 5.98
N LYS A 33 -5.91 5.33 5.06
CA LYS A 33 -6.44 4.97 3.76
C LYS A 33 -5.28 4.86 2.79
N VAL A 34 -4.99 3.66 2.35
CA VAL A 34 -3.88 3.44 1.45
C VAL A 34 -4.36 3.47 0.01
N THR A 35 -3.72 4.27 -0.82
CA THR A 35 -4.06 4.38 -2.22
C THR A 35 -2.78 4.48 -3.05
N CYS A 36 -2.92 4.48 -4.36
CA CYS A 36 -1.78 4.67 -5.23
C CYS A 36 -1.76 6.07 -5.79
N SER A 37 -0.57 6.56 -6.08
CA SER A 37 -0.39 7.91 -6.59
C SER A 37 -0.90 8.02 -8.02
N LYS A 38 -1.04 9.24 -8.51
CA LYS A 38 -1.45 9.46 -9.89
C LYS A 38 -0.32 9.06 -10.82
N ASP A 39 0.90 9.21 -10.33
CA ASP A 39 2.09 8.79 -11.06
C ASP A 39 2.23 7.28 -11.03
N GLY A 40 1.64 6.67 -10.01
CA GLY A 40 1.69 5.23 -9.85
C GLY A 40 3.01 4.76 -9.27
N LYS A 41 3.96 5.67 -9.17
CA LYS A 41 5.31 5.32 -8.76
C LYS A 41 5.36 5.00 -7.26
N MET A 42 4.44 5.57 -6.50
CA MET A 42 4.49 5.42 -5.05
C MET A 42 3.12 5.09 -4.50
N LEU A 43 3.11 4.47 -3.34
CA LEU A 43 1.89 4.11 -2.66
C LEU A 43 1.61 5.14 -1.57
N GLU A 44 0.65 6.00 -1.83
CA GLU A 44 0.38 7.11 -0.91
C GLU A 44 -0.78 6.75 0.01
N TRP A 45 -0.60 7.04 1.28
CA TRP A 45 -1.64 6.76 2.24
C TRP A 45 -2.00 8.01 3.03
N TYR A 46 -3.30 8.25 3.12
CA TYR A 46 -3.81 9.44 3.79
C TYR A 46 -4.54 9.01 5.05
N LYS A 47 -4.30 9.76 6.13
CA LYS A 47 -4.93 9.53 7.43
C LYS A 47 -6.34 8.95 7.32
N GLY A 48 -6.47 7.70 7.73
CA GLY A 48 -7.74 7.00 7.59
C GLY A 48 -8.41 6.78 8.91
N LYS A 49 -7.97 7.51 9.92
CA LYS A 49 -8.58 7.44 11.24
C LYS A 49 -9.75 8.42 11.32
N ASN A 50 -9.40 9.68 11.56
CA ASN A 50 -10.38 10.77 11.62
C ASN A 50 -9.67 12.12 11.76
N ASP A 51 -9.44 12.56 12.99
CA ASP A 51 -8.79 13.83 13.25
C ASP A 51 -7.53 13.61 14.09
N SER A 52 -6.97 12.42 13.99
CA SER A 52 -5.73 12.10 14.66
C SER A 52 -4.58 12.15 13.67
N ASP A 53 -4.67 13.09 12.74
CA ASP A 53 -3.65 13.29 11.72
C ASP A 53 -2.77 14.48 12.08
N GLY A 54 -1.65 14.20 12.71
CA GLY A 54 -0.77 15.26 13.18
C GLY A 54 -0.03 15.95 12.05
N LYS A 55 0.00 15.32 10.89
CA LYS A 55 0.69 15.90 9.75
C LYS A 55 -0.29 16.66 8.85
N LYS A 56 -1.57 16.26 8.95
CA LYS A 56 -2.63 16.79 8.08
C LYS A 56 -2.31 16.51 6.61
N LYS A 57 -1.44 15.54 6.41
CA LYS A 57 -0.93 15.16 5.11
C LYS A 57 -0.76 13.64 5.09
N PRO A 58 -0.28 13.03 4.00
CA PRO A 58 0.10 11.62 4.04
C PRO A 58 1.06 11.33 5.19
N ILE A 59 0.87 10.19 5.83
CA ILE A 59 1.63 9.83 7.03
C ILE A 59 3.07 9.42 6.71
N GLY A 60 3.48 9.63 5.46
CA GLY A 60 4.81 9.23 5.05
C GLY A 60 4.81 7.99 4.18
N SER A 61 4.28 8.16 2.98
CA SER A 61 4.17 7.10 1.99
C SER A 61 5.55 6.63 1.51
N PHE A 62 5.57 5.58 0.69
CA PHE A 62 6.80 5.06 0.14
C PHE A 62 6.62 4.74 -1.34
N PRO A 63 7.71 4.76 -2.13
CA PRO A 63 7.65 4.45 -3.56
C PRO A 63 7.60 2.94 -3.82
N LEU A 64 6.66 2.53 -4.67
CA LEU A 64 6.40 1.12 -4.96
C LEU A 64 7.60 0.45 -5.62
N ASN A 65 8.46 1.25 -6.23
CA ASN A 65 9.66 0.75 -6.89
C ASN A 65 10.67 0.23 -5.87
N LYS A 66 10.51 0.63 -4.61
CA LYS A 66 11.47 0.27 -3.57
C LYS A 66 11.13 -1.07 -2.92
N ILE A 67 9.94 -1.59 -3.22
CA ILE A 67 9.48 -2.85 -2.61
C ILE A 67 10.44 -3.99 -2.94
N THR A 68 10.77 -4.79 -1.94
CA THR A 68 11.61 -5.95 -2.16
C THR A 68 10.75 -7.20 -2.25
N SER A 69 9.69 -7.26 -1.44
CA SER A 69 8.76 -8.39 -1.42
C SER A 69 7.44 -8.02 -0.74
N ILE A 70 6.34 -8.56 -1.26
CA ILE A 70 5.02 -8.37 -0.67
C ILE A 70 4.40 -9.72 -0.29
N ARG A 71 4.32 -10.00 1.00
CA ARG A 71 3.77 -11.27 1.46
C ARG A 71 2.76 -11.07 2.57
N THR A 72 1.91 -12.06 2.75
CA THR A 72 0.97 -12.06 3.83
C THR A 72 1.70 -12.45 5.09
N LYS A 73 1.37 -11.84 6.21
CA LYS A 73 2.04 -12.17 7.44
C LYS A 73 1.76 -13.62 7.78
N VAL A 74 2.80 -14.41 7.69
CA VAL A 74 2.71 -15.84 7.81
C VAL A 74 2.14 -16.29 9.15
N ASP A 75 2.18 -15.43 10.16
CA ASP A 75 1.66 -15.77 11.47
C ASP A 75 0.31 -15.09 11.72
N ASN A 76 -0.13 -14.32 10.73
CA ASN A 76 -1.36 -13.54 10.86
C ASN A 76 -1.87 -13.17 9.47
N LEU A 77 -2.80 -13.96 8.95
CA LEU A 77 -3.25 -13.80 7.58
C LEU A 77 -4.10 -12.55 7.38
N LYS A 78 -4.50 -11.92 8.47
CA LYS A 78 -5.24 -10.67 8.38
C LYS A 78 -4.27 -9.51 8.19
N SER A 79 -2.99 -9.79 8.40
CA SER A 79 -1.96 -8.79 8.21
C SER A 79 -1.12 -9.13 6.99
N LEU A 80 -0.52 -8.11 6.43
CA LEU A 80 0.30 -8.26 5.23
C LEU A 80 1.64 -7.59 5.47
N GLU A 81 2.71 -8.38 5.50
CA GLU A 81 4.03 -7.86 5.74
C GLU A 81 4.71 -7.55 4.42
N ILE A 82 4.96 -6.28 4.17
CA ILE A 82 5.61 -5.88 2.94
C ILE A 82 7.00 -5.35 3.22
N SER A 83 7.98 -6.06 2.72
CA SER A 83 9.35 -5.67 2.86
C SER A 83 9.73 -4.75 1.71
N VAL A 84 10.18 -3.57 2.05
CA VAL A 84 10.57 -2.60 1.04
C VAL A 84 11.92 -2.00 1.41
N SER A 85 12.68 -1.62 0.38
CA SER A 85 13.96 -0.99 0.58
C SER A 85 13.70 0.38 1.18
N SER A 86 13.96 0.46 2.47
CA SER A 86 13.42 1.52 3.30
C SER A 86 14.51 2.28 4.04
N VAL A 87 14.17 3.50 4.42
CA VAL A 87 15.03 4.35 5.22
C VAL A 87 14.52 4.27 6.65
N HIS A 88 15.04 5.09 7.55
CA HIS A 88 14.68 5.02 8.97
C HIS A 88 13.17 4.76 9.18
N ILE A 89 12.83 3.49 9.35
CA ILE A 89 11.46 3.04 9.52
C ILE A 89 11.46 1.50 9.54
N SER A 90 10.43 0.92 10.13
CA SER A 90 10.31 -0.52 10.18
C SER A 90 9.60 -1.03 8.93
N THR A 91 9.52 -2.35 8.79
CA THR A 91 8.87 -2.97 7.65
C THR A 91 7.39 -2.57 7.62
N TYR A 92 6.83 -2.44 6.44
CA TYR A 92 5.50 -1.89 6.28
C TYR A 92 4.46 -3.00 6.38
N LEU A 93 3.57 -2.84 7.35
CA LEU A 93 2.52 -3.81 7.57
C LEU A 93 1.17 -3.25 7.18
N PHE A 94 0.58 -3.89 6.19
CA PHE A 94 -0.76 -3.58 5.76
C PHE A 94 -1.70 -4.53 6.49
N THR A 95 -2.48 -4.00 7.42
CA THR A 95 -3.26 -4.86 8.29
C THR A 95 -4.76 -4.59 8.12
N PHE A 96 -5.50 -5.66 7.89
CA PHE A 96 -6.94 -5.57 7.75
C PHE A 96 -7.62 -6.39 8.84
N LYS A 97 -8.94 -6.42 8.83
CA LYS A 97 -9.68 -7.18 9.83
C LYS A 97 -9.73 -8.66 9.44
N THR A 98 -9.69 -8.94 8.14
CA THR A 98 -9.83 -10.30 7.64
C THR A 98 -8.86 -10.58 6.49
N ARG A 99 -8.68 -11.85 6.15
CA ARG A 99 -7.85 -12.20 5.01
C ARG A 99 -8.51 -11.77 3.72
N GLU A 100 -9.82 -12.02 3.62
CA GLU A 100 -10.57 -11.75 2.41
C GLU A 100 -10.39 -10.30 1.96
N GLU A 101 -10.22 -9.41 2.92
CA GLU A 101 -10.00 -8.01 2.65
C GLU A 101 -8.58 -7.74 2.13
N ARG A 102 -7.57 -8.23 2.85
CA ARG A 102 -6.18 -7.96 2.46
C ARG A 102 -5.75 -8.76 1.24
N GLU A 103 -6.32 -9.95 1.11
CA GLU A 103 -6.01 -10.86 0.02
C GLU A 103 -6.14 -10.17 -1.33
N SER A 104 -7.30 -9.56 -1.53
CA SER A 104 -7.57 -8.83 -2.76
C SER A 104 -6.50 -7.77 -3.03
N TRP A 105 -6.21 -6.98 -2.01
CA TRP A 105 -5.27 -5.86 -2.14
C TRP A 105 -3.92 -6.32 -2.67
N GLN A 106 -3.30 -7.29 -1.98
CA GLN A 106 -2.02 -7.85 -2.41
C GLN A 106 -2.04 -8.28 -3.86
N ASN A 107 -3.08 -9.01 -4.24
CA ASN A 107 -3.21 -9.54 -5.59
C ASN A 107 -3.22 -8.41 -6.62
N ASN A 108 -3.88 -7.33 -6.27
CA ASN A 108 -3.97 -6.17 -7.15
C ASN A 108 -2.65 -5.42 -7.18
N LEU A 109 -2.13 -5.09 -6.01
CA LEU A 109 -0.90 -4.30 -5.90
C LEU A 109 0.28 -5.05 -6.51
N GLU A 110 0.37 -6.35 -6.23
CA GLU A 110 1.47 -7.16 -6.74
C GLU A 110 1.49 -7.13 -8.27
N SER A 111 0.34 -7.29 -8.89
CA SER A 111 0.22 -7.26 -10.34
C SER A 111 0.51 -5.86 -10.86
N PHE A 112 0.01 -4.85 -10.15
CA PHE A 112 0.25 -3.46 -10.49
C PHE A 112 1.74 -3.14 -10.39
N ARG A 113 2.35 -3.65 -9.33
CA ARG A 113 3.79 -3.53 -9.14
C ARG A 113 4.53 -4.25 -10.26
N LYS A 114 4.01 -5.40 -10.67
CA LYS A 114 4.61 -6.15 -11.78
C LYS A 114 4.53 -5.36 -13.08
N ILE A 115 3.49 -4.54 -13.23
CA ILE A 115 3.36 -3.72 -14.42
C ILE A 115 4.47 -2.66 -14.48
N MET A 116 4.96 -2.25 -13.33
CA MET A 116 5.94 -1.17 -13.26
C MET A 116 7.35 -1.68 -13.00
N SER A 117 7.48 -2.61 -12.06
CA SER A 117 8.78 -3.15 -11.69
C SER A 117 9.15 -4.32 -12.58
N MET A 118 8.17 -5.12 -12.94
CA MET A 118 8.39 -6.28 -13.80
C MET A 118 7.88 -5.97 -15.20
N LYS A 119 8.00 -4.69 -15.56
CA LYS A 119 7.46 -4.15 -16.79
C LYS A 119 7.98 -4.91 -18.01
#